data_3NV8
#
_entry.id   3NV8
#
_cell.length_a   203.538
_cell.length_b   203.538
_cell.length_c   66.422
_cell.angle_alpha   90.00
_cell.angle_beta   90.00
_cell.angle_gamma   120.00
#
_symmetry.space_group_name_H-M   'P 32 2 1'
#
loop_
_entity.id
_entity.type
_entity.pdbx_description
1 polymer 'Probable 3-deoxy-D-arabino-heptulosonate 7-phosphate synthase AroG'
2 non-polymer 'SULFATE ION'
3 non-polymer 'MANGANESE (II) ION'
4 non-polymer GLYCEROL
5 non-polymer PHOSPHOENOLPYRUVATE
6 non-polymer 'CHLORIDE ION'
7 non-polymer 'PHOSPHATE ION'
8 water water
#
_entity_poly.entity_id   1
_entity_poly.type   'polypeptide(L)'
_entity_poly.pdbx_seq_one_letter_code
;GAMNWTVDIPIDQLPSLPPLPTDLRTRLDAALAKPAAQQPTWPADQALAMRTVLESVPPVTVPSEIVRLQEQLAQVAKGE
AFLLQGGDCAETFMDNTEPHIRGNVRALLQMAVVLTYGASMPVVKVARIAGQYAKPRSADIDALGLRSYRGDMINGFAPD
AAAREHDPSRLVRAYANASAAMNLVRALTSSGLASLHLVHDWNREFVRTSPAGARYEALATEIDRGLRFMSACGVADRNL
QTAEIYASHEALVLDYERAMLRLSDGDDGEPQLFDLSAHTVWIGERTRQIDGAHIAFAQVIANPVGVKLGPNMTPELAVE
YVERLDPHNKPGRLTLVSRMGNHKVRDLLPPIVEKVQATGHQVIWQCDPMHGNTHESSTGFKTRHFDRIVDEVQGFFEVH
RALGTHPGGIHVEITGENVTECLGGAQDISETDLAGRYETACDPRLNTQQSLELAFLVAEMLRD
;
_entity_poly.pdbx_strand_id   A,B
#
# COMPACT_ATOMS: atom_id res chain seq x y z
N MET A 3 -20.21 14.59 21.85
CA MET A 3 -21.67 14.87 21.89
C MET A 3 -22.32 14.78 20.51
N ASN A 4 -21.54 14.78 19.43
CA ASN A 4 -22.11 14.62 18.09
C ASN A 4 -21.60 13.43 17.28
N TRP A 5 -20.94 12.48 17.94
CA TRP A 5 -20.45 11.24 17.30
C TRP A 5 -19.37 11.46 16.24
N THR A 6 -18.46 12.39 16.58
CA THR A 6 -17.37 12.81 15.72
C THR A 6 -16.04 12.82 16.46
N VAL A 7 -14.96 12.54 15.75
CA VAL A 7 -13.62 12.70 16.33
C VAL A 7 -12.84 13.63 15.41
N ASP A 8 -12.09 14.55 16.02
CA ASP A 8 -11.21 15.44 15.27
C ASP A 8 -9.75 14.96 15.26
N ILE A 9 -9.24 14.65 14.08
CA ILE A 9 -7.84 14.23 13.98
C ILE A 9 -7.00 15.40 13.51
N PRO A 10 -6.04 15.83 14.33
CA PRO A 10 -5.13 16.91 13.94
C PRO A 10 -4.33 16.50 12.71
N ILE A 11 -4.19 17.42 11.76
CA ILE A 11 -3.38 17.17 10.58
C ILE A 11 -2.00 17.66 11.05
N ASP A 12 -1.01 16.79 10.93
CA ASP A 12 0.31 17.09 11.47
C ASP A 12 1.04 18.15 10.61
N GLN A 13 1.49 19.23 11.25
CA GLN A 13 2.26 20.24 10.52
C GLN A 13 3.77 19.96 10.46
N LEU A 14 4.16 19.27 9.40
CA LEU A 14 5.51 18.76 9.24
C LEU A 14 6.32 19.61 8.26
N PRO A 15 7.62 19.80 8.55
CA PRO A 15 8.62 20.37 7.65
C PRO A 15 8.52 19.83 6.23
N SER A 16 8.81 20.70 5.27
N SER A 16 8.79 20.70 5.26
CA SER A 16 8.82 20.39 3.84
CA SER A 16 8.79 20.38 3.83
C SER A 16 10.11 19.73 3.35
C SER A 16 10.10 19.81 3.30
N LEU A 17 9.98 19.08 2.20
CA LEU A 17 11.11 18.54 1.46
C LEU A 17 11.44 19.67 0.47
N PRO A 18 12.48 19.50 -0.35
CA PRO A 18 12.81 20.54 -1.32
C PRO A 18 11.68 20.82 -2.30
N PRO A 19 11.63 22.03 -2.87
CA PRO A 19 10.65 22.29 -3.92
C PRO A 19 10.84 21.53 -5.23
N LEU A 20 9.82 21.41 -6.05
CA LEU A 20 10.01 20.89 -7.41
C LEU A 20 10.93 21.87 -8.12
N PRO A 21 11.65 21.42 -9.16
CA PRO A 21 12.53 22.42 -9.74
C PRO A 21 11.77 23.64 -10.28
N THR A 22 12.38 24.82 -10.24
CA THR A 22 11.80 26.09 -10.71
C THR A 22 11.34 26.13 -12.16
N ASP A 23 12.03 25.46 -13.08
CA ASP A 23 11.57 25.45 -14.46
C ASP A 23 10.22 24.78 -14.62
N LEU A 24 10.08 23.61 -14.00
CA LEU A 24 8.88 22.83 -14.19
C LEU A 24 7.81 23.60 -13.44
N ARG A 25 8.14 24.17 -12.27
CA ARG A 25 7.22 25.04 -11.53
C ARG A 25 6.69 26.21 -12.37
N THR A 26 7.60 26.90 -13.04
CA THR A 26 7.26 27.98 -13.97
C THR A 26 6.26 27.56 -15.05
N ARG A 27 6.42 26.33 -15.53
N ARG A 27 6.44 26.35 -15.57
CA ARG A 27 5.57 25.75 -16.56
CA ARG A 27 5.56 25.74 -16.55
C ARG A 27 4.21 25.36 -16.00
C ARG A 27 4.20 25.40 -15.96
N LEU A 28 4.23 24.65 -14.87
CA LEU A 28 3.01 24.28 -14.17
C LEU A 28 2.21 25.53 -13.80
N ASP A 29 2.83 26.62 -13.40
CA ASP A 29 2.13 27.83 -12.97
C ASP A 29 1.46 28.52 -14.15
N ALA A 30 2.21 28.62 -15.24
CA ALA A 30 1.69 29.11 -16.50
C ALA A 30 0.46 28.29 -16.91
N ALA A 31 0.50 26.99 -16.71
CA ALA A 31 -0.61 26.16 -17.14
C ALA A 31 -1.81 26.29 -16.20
N LEU A 32 -1.61 26.37 -14.90
CA LEU A 32 -2.75 26.51 -14.00
C LEU A 32 -3.24 27.95 -13.84
N ALA A 33 -2.81 28.90 -14.65
CA ALA A 33 -3.43 30.22 -14.62
C ALA A 33 -4.65 30.21 -15.53
N LYS A 34 -4.77 29.18 -16.36
CA LYS A 34 -5.96 29.00 -17.20
C LYS A 34 -7.21 28.76 -16.34
N PRO A 35 -8.39 29.15 -16.84
CA PRO A 35 -9.60 28.95 -16.05
C PRO A 35 -9.84 27.47 -15.76
N ALA A 36 -10.48 27.15 -14.64
CA ALA A 36 -10.63 25.74 -14.27
C ALA A 36 -12.09 25.60 -13.91
N ALA A 37 -12.88 24.76 -14.58
CA ALA A 37 -14.29 24.61 -14.21
C ALA A 37 -14.45 23.67 -13.01
N GLN A 38 -15.58 23.80 -12.33
CA GLN A 38 -16.02 22.82 -11.34
C GLN A 38 -15.12 22.75 -10.10
N GLN A 39 -14.42 23.84 -9.79
CA GLN A 39 -13.51 23.76 -8.66
C GLN A 39 -14.17 24.06 -7.32
N PRO A 40 -13.71 23.39 -6.26
CA PRO A 40 -14.30 23.72 -4.96
C PRO A 40 -14.10 25.21 -4.64
N THR A 41 -14.90 25.71 -3.70
CA THR A 41 -14.99 27.14 -3.50
C THR A 41 -14.36 27.48 -2.17
N TRP A 42 -13.59 26.57 -1.59
CA TRP A 42 -12.85 26.89 -0.39
C TRP A 42 -11.83 28.02 -0.55
N PRO A 43 -11.51 28.71 0.54
CA PRO A 43 -10.60 29.84 0.41
C PRO A 43 -9.18 29.38 0.14
N ALA A 44 -8.43 30.28 -0.49
CA ALA A 44 -7.11 30.00 -1.06
C ALA A 44 -6.06 29.63 -0.02
N ASP A 45 -6.12 30.30 1.12
CA ASP A 45 -5.19 30.14 2.24
C ASP A 45 -5.34 28.73 2.82
N GLN A 46 -6.57 28.26 2.96
CA GLN A 46 -6.79 26.94 3.53
C GLN A 46 -6.32 25.91 2.49
N ALA A 47 -6.70 26.10 1.23
CA ALA A 47 -6.29 25.22 0.16
C ALA A 47 -4.77 25.15 0.05
N LEU A 48 -4.14 26.32 0.02
CA LEU A 48 -2.69 26.46 0.05
C LEU A 48 -2.14 25.62 1.20
N ALA A 49 -2.65 25.81 2.41
CA ALA A 49 -2.20 25.08 3.61
C ALA A 49 -2.28 23.57 3.43
N MET A 50 -3.41 23.08 2.92
CA MET A 50 -3.63 21.66 2.73
C MET A 50 -2.75 21.05 1.61
N ARG A 51 -2.55 21.77 0.51
CA ARG A 51 -1.56 21.34 -0.48
C ARG A 51 -0.18 21.22 0.12
N THR A 52 0.22 22.17 0.97
CA THR A 52 1.56 22.04 1.53
C THR A 52 1.79 20.78 2.33
N VAL A 53 0.72 20.29 2.96
CA VAL A 53 0.78 19.03 3.67
C VAL A 53 0.96 17.88 2.68
N LEU A 54 0.28 17.95 1.55
CA LEU A 54 0.33 16.82 0.63
C LEU A 54 1.62 16.75 -0.21
N GLU A 55 2.28 17.88 -0.44
CA GLU A 55 3.55 17.91 -1.16
C GLU A 55 4.59 17.03 -0.51
N SER A 56 4.52 16.75 0.79
CA SER A 56 5.55 15.90 1.41
C SER A 56 5.19 14.49 1.86
N VAL A 57 3.98 14.03 1.53
CA VAL A 57 3.49 12.73 1.95
C VAL A 57 3.95 11.72 0.90
N PRO A 58 4.20 10.46 1.31
CA PRO A 58 4.49 9.33 0.43
C PRO A 58 3.50 9.26 -0.71
N PRO A 59 4.00 9.05 -1.94
CA PRO A 59 3.06 8.97 -3.05
C PRO A 59 2.13 7.75 -2.97
N VAL A 60 1.10 7.78 -3.81
CA VAL A 60 0.20 6.65 -3.97
C VAL A 60 0.74 5.68 -5.02
N THR A 61 1.35 6.20 -6.08
CA THR A 61 2.06 5.42 -7.06
C THR A 61 3.52 5.89 -7.20
N VAL A 62 4.33 5.18 -7.97
CA VAL A 62 5.70 5.58 -8.22
C VAL A 62 5.93 5.47 -9.73
N PRO A 63 6.90 6.28 -10.18
CA PRO A 63 7.10 6.51 -11.59
C PRO A 63 7.27 5.28 -12.46
N SER A 64 8.01 4.27 -11.99
CA SER A 64 8.22 3.05 -12.75
C SER A 64 6.93 2.28 -13.08
N GLU A 65 6.01 2.21 -12.11
CA GLU A 65 4.71 1.67 -12.44
C GLU A 65 4.03 2.43 -13.58
N ILE A 66 4.23 3.73 -13.62
CA ILE A 66 3.53 4.53 -14.63
C ILE A 66 4.19 4.31 -16.00
N VAL A 67 5.52 4.22 -16.07
CA VAL A 67 6.12 3.95 -17.37
C VAL A 67 5.85 2.53 -17.82
N ARG A 68 5.66 1.60 -16.88
CA ARG A 68 5.15 0.28 -17.17
C ARG A 68 3.72 0.29 -17.73
N LEU A 69 2.82 1.06 -17.12
CA LEU A 69 1.46 1.22 -17.61
C LEU A 69 1.56 1.79 -19.03
N GLN A 70 2.42 2.77 -19.26
CA GLN A 70 2.59 3.34 -20.61
C GLN A 70 2.95 2.34 -21.72
N GLU A 71 3.82 1.39 -21.41
CA GLU A 71 4.21 0.34 -22.37
C GLU A 71 3.09 -0.67 -22.60
N GLN A 72 2.30 -0.96 -21.56
CA GLN A 72 1.16 -1.87 -21.73
C GLN A 72 0.02 -1.29 -22.58
N LEU A 73 -0.23 -0.01 -22.34
CA LEU A 73 -1.14 0.78 -23.15
C LEU A 73 -0.72 0.99 -24.61
N ALA A 74 0.57 1.11 -24.89
CA ALA A 74 1.00 1.14 -26.28
C ALA A 74 0.57 -0.12 -27.02
N GLN A 75 0.60 -1.30 -26.38
N GLN A 75 0.59 -1.29 -26.40
CA GLN A 75 0.19 -2.57 -26.95
CA GLN A 75 0.19 -2.50 -27.10
C GLN A 75 -1.27 -2.38 -27.35
C GLN A 75 -1.32 -2.57 -27.30
N VAL A 76 -2.07 -1.97 -26.37
CA VAL A 76 -3.50 -1.74 -26.58
C VAL A 76 -3.68 -0.85 -27.81
N ALA A 77 -2.99 0.28 -27.85
CA ALA A 77 -3.14 1.20 -28.98
C ALA A 77 -2.72 0.58 -30.33
N LYS A 78 -1.77 -0.35 -30.29
CA LYS A 78 -1.36 -1.02 -31.51
C LYS A 78 -2.27 -2.20 -31.86
N GLY A 79 -3.33 -2.45 -31.09
CA GLY A 79 -4.28 -3.48 -31.40
C GLY A 79 -3.90 -4.85 -30.86
N GLU A 80 -2.88 -4.93 -30.01
CA GLU A 80 -2.50 -6.22 -29.46
C GLU A 80 -2.75 -6.38 -27.97
N ALA A 81 -3.61 -5.56 -27.36
CA ALA A 81 -3.97 -5.78 -25.96
C ALA A 81 -5.27 -5.01 -25.86
N PHE A 82 -6.11 -5.32 -24.89
CA PHE A 82 -7.42 -4.70 -24.67
C PHE A 82 -7.45 -4.04 -23.28
N LEU A 83 -8.02 -2.85 -23.10
CA LEU A 83 -8.18 -2.15 -21.81
C LEU A 83 -9.52 -2.37 -21.15
N LEU A 84 -9.45 -2.79 -19.89
CA LEU A 84 -10.57 -2.83 -18.99
C LEU A 84 -10.34 -1.84 -17.85
N GLN A 85 -11.32 -0.95 -17.70
CA GLN A 85 -11.31 0.03 -16.64
C GLN A 85 -12.70 0.08 -16.01
N GLY A 86 -12.74 -0.04 -14.69
CA GLY A 86 -14.00 -0.22 -13.99
C GLY A 86 -13.88 -0.10 -12.48
N GLY A 87 -14.93 0.38 -11.82
CA GLY A 87 -15.01 0.41 -10.36
C GLY A 87 -16.11 1.37 -9.90
N ASP A 88 -16.08 1.87 -8.67
CA ASP A 88 -17.16 2.75 -8.25
C ASP A 88 -17.31 4.04 -9.07
N CYS A 89 -18.55 4.43 -9.28
CA CYS A 89 -18.82 5.72 -9.89
C CYS A 89 -18.19 6.79 -9.02
N ALA A 90 -18.47 6.71 -7.73
CA ALA A 90 -17.83 7.52 -6.67
C ALA A 90 -17.36 6.64 -5.51
N GLU A 91 -16.10 6.69 -5.11
CA GLU A 91 -15.68 5.98 -3.92
C GLU A 91 -16.13 6.92 -2.82
N THR A 92 -16.62 6.37 -1.72
CA THR A 92 -16.82 7.20 -0.53
C THR A 92 -15.88 6.68 0.55
N PHE A 93 -15.60 7.53 1.51
CA PHE A 93 -14.73 7.15 2.61
C PHE A 93 -15.33 6.09 3.52
N MET A 94 -16.65 6.23 3.70
CA MET A 94 -17.41 5.30 4.53
C MET A 94 -17.29 3.85 4.08
N ASP A 95 -17.25 3.61 2.77
CA ASP A 95 -17.22 2.27 2.19
C ASP A 95 -15.83 1.90 1.71
N ASN A 96 -14.82 2.69 2.06
CA ASN A 96 -13.48 2.36 1.62
C ASN A 96 -13.00 1.36 2.67
N THR A 97 -13.53 0.15 2.57
CA THR A 97 -13.37 -0.92 3.55
C THR A 97 -12.78 -2.09 2.76
N GLU A 98 -12.11 -3.01 3.46
CA GLU A 98 -11.55 -4.21 2.90
C GLU A 98 -12.56 -5.03 2.08
N PRO A 99 -13.76 -5.29 2.60
CA PRO A 99 -14.73 -6.09 1.86
C PRO A 99 -15.20 -5.47 0.57
N HIS A 100 -15.32 -4.15 0.56
CA HIS A 100 -15.85 -3.49 -0.63
C HIS A 100 -14.72 -3.39 -1.65
N ILE A 101 -13.52 -3.10 -1.16
CA ILE A 101 -12.38 -2.97 -2.02
C ILE A 101 -12.05 -4.34 -2.60
N ARG A 102 -12.14 -5.38 -1.80
CA ARG A 102 -11.87 -6.76 -2.24
C ARG A 102 -12.91 -7.19 -3.26
N GLY A 103 -14.15 -6.75 -3.05
CA GLY A 103 -15.22 -7.11 -3.97
C GLY A 103 -15.08 -6.46 -5.33
N ASN A 104 -14.69 -5.19 -5.40
CA ASN A 104 -14.43 -4.53 -6.69
C ASN A 104 -13.19 -5.08 -7.39
N VAL A 105 -12.16 -5.46 -6.65
CA VAL A 105 -10.95 -6.05 -7.23
C VAL A 105 -11.23 -7.43 -7.84
N ARG A 106 -11.97 -8.26 -7.11
CA ARG A 106 -12.46 -9.54 -7.63
C ARG A 106 -13.26 -9.39 -8.93
N ALA A 107 -14.27 -8.52 -8.88
CA ALA A 107 -15.18 -8.29 -9.98
C ALA A 107 -14.35 -8.02 -11.22
N LEU A 108 -13.41 -7.11 -11.08
CA LEU A 108 -12.53 -6.69 -12.17
C LEU A 108 -11.62 -7.79 -12.70
N LEU A 109 -11.09 -8.61 -11.81
CA LEU A 109 -10.22 -9.71 -12.25
C LEU A 109 -11.17 -10.73 -12.88
N GLN A 110 -12.43 -10.76 -12.45
CA GLN A 110 -13.34 -11.76 -12.98
C GLN A 110 -13.70 -11.42 -14.41
N MET A 111 -14.08 -10.16 -14.65
CA MET A 111 -14.26 -9.63 -15.99
C MET A 111 -12.96 -9.90 -16.76
N ALA A 112 -11.81 -9.63 -16.16
CA ALA A 112 -10.58 -9.71 -16.95
C ALA A 112 -10.32 -11.07 -17.57
N VAL A 113 -10.54 -12.18 -16.87
CA VAL A 113 -10.17 -13.45 -17.47
C VAL A 113 -11.15 -13.80 -18.61
N VAL A 114 -12.40 -13.38 -18.46
CA VAL A 114 -13.40 -13.61 -19.49
C VAL A 114 -13.04 -12.76 -20.69
N LEU A 115 -12.73 -11.48 -20.49
CA LEU A 115 -12.38 -10.64 -21.63
C LEU A 115 -11.03 -11.11 -22.24
N THR A 116 -10.11 -11.64 -21.45
CA THR A 116 -8.83 -12.11 -21.98
C THR A 116 -9.12 -13.27 -22.92
N TYR A 117 -9.82 -14.31 -22.47
CA TYR A 117 -10.16 -15.43 -23.34
C TYR A 117 -10.81 -15.02 -24.65
N GLY A 118 -11.77 -14.11 -24.49
CA GLY A 118 -12.59 -13.65 -25.59
C GLY A 118 -11.80 -12.80 -26.54
N ALA A 119 -10.95 -11.90 -26.05
CA ALA A 119 -10.16 -11.13 -27.01
C ALA A 119 -8.93 -11.88 -27.53
N SER A 120 -8.56 -12.99 -26.91
CA SER A 120 -7.27 -13.62 -27.21
C SER A 120 -6.04 -12.73 -27.19
N MET A 121 -5.99 -11.77 -26.29
CA MET A 121 -4.79 -10.96 -26.10
C MET A 121 -4.76 -10.46 -24.66
N PRO A 122 -3.64 -9.88 -24.21
CA PRO A 122 -3.66 -9.35 -22.84
C PRO A 122 -4.70 -8.28 -22.52
N VAL A 123 -5.22 -8.29 -21.30
CA VAL A 123 -6.12 -7.27 -20.79
C VAL A 123 -5.41 -6.46 -19.71
N VAL A 124 -5.36 -5.14 -19.91
CA VAL A 124 -4.69 -4.26 -18.95
C VAL A 124 -5.83 -3.83 -18.03
N LYS A 125 -5.60 -3.93 -16.72
CA LYS A 125 -6.69 -3.72 -15.78
C LYS A 125 -6.45 -2.43 -15.03
N VAL A 126 -7.42 -1.53 -15.12
CA VAL A 126 -7.36 -0.21 -14.49
C VAL A 126 -8.58 0.01 -13.60
N ALA A 127 -8.34 0.12 -12.29
CA ALA A 127 -9.42 0.23 -11.33
C ALA A 127 -9.78 1.71 -11.26
N ARG A 128 -11.07 2.02 -11.21
CA ARG A 128 -11.51 3.34 -10.78
C ARG A 128 -11.41 3.24 -9.27
N ILE A 129 -10.27 3.58 -8.68
CA ILE A 129 -10.13 3.36 -7.24
C ILE A 129 -9.01 4.21 -6.64
N ALA A 130 -8.87 4.22 -5.32
CA ALA A 130 -7.79 4.91 -4.65
C ALA A 130 -7.75 6.37 -5.05
N GLY A 131 -8.92 6.96 -5.21
CA GLY A 131 -8.98 8.39 -5.49
C GLY A 131 -10.14 9.00 -6.25
N GLN A 132 -11.20 8.24 -6.49
CA GLN A 132 -12.34 8.69 -7.27
C GLN A 132 -13.33 9.28 -6.27
N TYR A 133 -12.99 10.48 -5.82
CA TYR A 133 -13.66 11.11 -4.68
C TYR A 133 -14.17 12.51 -5.01
N ALA A 134 -14.27 12.81 -6.30
CA ALA A 134 -14.67 14.15 -6.73
C ALA A 134 -15.42 14.02 -8.03
N LYS A 135 -16.49 14.80 -8.13
CA LYS A 135 -17.30 14.74 -9.33
C LYS A 135 -17.82 16.11 -9.72
N PRO A 136 -18.20 16.28 -10.98
CA PRO A 136 -18.78 17.56 -11.30
C PRO A 136 -20.23 17.59 -10.86
N ARG A 137 -20.87 18.72 -11.14
CA ARG A 137 -22.33 18.79 -11.14
C ARG A 137 -22.77 19.85 -12.14
N SER A 138 -23.94 19.68 -12.75
CA SER A 138 -24.48 20.69 -13.63
C SER A 138 -25.22 21.78 -12.85
N ALA A 139 -25.87 21.45 -11.73
CA ALA A 139 -26.44 22.47 -10.83
C ALA A 139 -25.78 22.57 -9.46
N ASP A 140 -25.49 23.81 -9.11
CA ASP A 140 -25.10 24.09 -7.75
C ASP A 140 -26.30 24.01 -6.79
N ILE A 141 -27.54 23.80 -7.25
CA ILE A 141 -28.59 23.39 -6.30
C ILE A 141 -29.41 22.11 -6.51
N ASP A 142 -29.29 21.17 -5.59
CA ASP A 142 -29.98 19.90 -5.72
C ASP A 142 -31.45 19.94 -5.23
N ALA A 143 -32.08 18.77 -5.37
CA ALA A 143 -33.51 18.60 -5.20
C ALA A 143 -34.04 18.91 -3.79
N LEU A 144 -33.16 18.78 -2.81
CA LEU A 144 -33.44 19.05 -1.42
C LEU A 144 -33.17 20.51 -1.10
N GLY A 145 -32.86 21.33 -2.11
CA GLY A 145 -32.51 22.73 -1.90
C GLY A 145 -31.20 23.00 -1.20
N LEU A 146 -30.27 22.05 -1.30
CA LEU A 146 -28.89 22.15 -0.82
C LEU A 146 -27.80 22.31 -1.89
N ARG A 147 -26.67 22.93 -1.56
CA ARG A 147 -25.50 22.86 -2.42
C ARG A 147 -25.26 21.39 -2.77
N SER A 148 -24.82 21.06 -3.97
CA SER A 148 -24.74 19.70 -4.47
C SER A 148 -23.64 18.94 -3.76
N TYR A 149 -23.88 17.67 -3.45
CA TYR A 149 -22.74 16.76 -3.16
C TYR A 149 -21.74 16.76 -4.30
N ARG A 150 -20.46 16.92 -4.01
N ARG A 150 -20.46 16.90 -3.96
CA ARG A 150 -19.48 16.94 -5.10
CA ARG A 150 -19.42 17.02 -4.96
C ARG A 150 -18.36 15.91 -4.88
C ARG A 150 -18.37 15.89 -4.90
N GLY A 151 -18.60 14.93 -4.02
CA GLY A 151 -17.62 13.88 -3.72
C GLY A 151 -16.84 14.19 -2.44
N ASP A 152 -16.39 13.12 -1.78
CA ASP A 152 -15.89 13.16 -0.42
C ASP A 152 -14.59 13.98 -0.35
N MET A 153 -13.88 14.20 -1.44
CA MET A 153 -12.74 15.10 -1.41
C MET A 153 -13.14 16.57 -1.20
N ILE A 154 -14.44 16.85 -1.30
CA ILE A 154 -14.97 18.20 -1.30
C ILE A 154 -16.02 18.43 -0.22
N ASN A 155 -17.10 17.66 -0.18
CA ASN A 155 -18.04 17.82 0.91
C ASN A 155 -18.62 16.48 1.30
N GLY A 156 -19.59 16.45 2.22
CA GLY A 156 -20.26 15.23 2.66
C GLY A 156 -21.52 14.88 1.91
N PHE A 157 -21.77 13.58 1.74
CA PHE A 157 -23.04 13.13 1.15
C PHE A 157 -24.22 13.46 2.06
N ALA A 158 -24.10 13.45 3.39
CA ALA A 158 -25.29 13.62 4.24
C ALA A 158 -26.10 14.86 3.82
N PRO A 159 -27.44 14.75 3.90
CA PRO A 159 -28.04 15.91 3.31
C PRO A 159 -28.26 17.02 4.33
N ASP A 160 -27.19 17.62 4.83
CA ASP A 160 -27.30 18.93 5.45
C ASP A 160 -26.21 19.94 5.14
N ALA A 161 -26.57 21.20 5.39
CA ALA A 161 -25.77 22.36 5.07
C ALA A 161 -24.35 22.23 5.60
N ALA A 162 -24.22 21.79 6.85
CA ALA A 162 -22.87 21.80 7.40
C ALA A 162 -22.00 20.80 6.65
N ALA A 163 -22.55 19.62 6.39
CA ALA A 163 -21.81 18.60 5.65
C ALA A 163 -21.51 19.05 4.22
N ARG A 164 -22.24 20.00 3.64
CA ARG A 164 -22.10 20.25 2.21
C ARG A 164 -21.16 21.40 1.92
N GLU A 165 -20.73 22.07 2.98
CA GLU A 165 -19.76 23.13 2.74
C GLU A 165 -18.47 22.47 2.23
N HIS A 166 -17.71 23.17 1.40
CA HIS A 166 -16.45 22.66 0.92
C HIS A 166 -15.34 22.81 1.95
N ASP A 167 -14.86 21.70 2.48
CA ASP A 167 -13.78 21.75 3.46
C ASP A 167 -12.47 21.12 2.98
N PRO A 168 -11.39 21.89 2.79
CA PRO A 168 -10.15 21.38 2.21
C PRO A 168 -9.38 20.39 3.06
N SER A 169 -9.81 20.22 4.30
CA SER A 169 -9.28 19.16 5.09
C SER A 169 -9.75 17.85 4.46
N ARG A 170 -10.74 17.85 3.57
CA ARG A 170 -11.08 16.62 2.87
C ARG A 170 -9.99 16.24 1.87
N LEU A 171 -9.11 17.18 1.56
CA LEU A 171 -8.00 16.89 0.66
C LEU A 171 -7.10 15.84 1.30
N VAL A 172 -6.81 16.03 2.58
CA VAL A 172 -5.89 15.15 3.31
C VAL A 172 -6.62 13.90 3.75
N ARG A 173 -7.88 14.04 4.12
CA ARG A 173 -8.68 12.83 4.24
C ARG A 173 -8.68 11.95 2.96
N ALA A 174 -8.69 12.53 1.78
CA ALA A 174 -8.70 11.74 0.54
C ALA A 174 -7.37 11.00 0.36
N TYR A 175 -6.28 11.75 0.54
CA TYR A 175 -4.96 11.16 0.43
C TYR A 175 -4.92 9.92 1.31
N ALA A 176 -5.37 10.06 2.56
CA ALA A 176 -5.22 8.95 3.51
C ALA A 176 -5.91 7.67 3.03
N ASN A 177 -7.13 7.85 2.54
CA ASN A 177 -8.04 6.79 2.12
C ASN A 177 -7.50 6.21 0.81
N ALA A 178 -7.03 7.09 -0.07
CA ALA A 178 -6.37 6.65 -1.29
C ALA A 178 -5.18 5.74 -0.97
N SER A 179 -4.28 6.21 -0.12
CA SER A 179 -3.14 5.41 0.30
C SER A 179 -3.47 4.06 0.92
N ALA A 180 -4.38 4.05 1.89
CA ALA A 180 -4.84 2.82 2.50
C ALA A 180 -5.50 1.88 1.50
N ALA A 181 -6.20 2.44 0.52
CA ALA A 181 -6.88 1.58 -0.47
C ALA A 181 -5.83 1.00 -1.40
N MET A 182 -4.88 1.85 -1.78
CA MET A 182 -3.80 1.39 -2.64
C MET A 182 -2.99 0.28 -1.99
N ASN A 183 -2.71 0.49 -0.71
CA ASN A 183 -1.95 -0.49 0.05
C ASN A 183 -2.60 -1.88 -0.08
N LEU A 184 -3.92 -1.87 0.08
CA LEU A 184 -4.70 -3.10 0.02
C LEU A 184 -4.76 -3.63 -1.40
N VAL A 185 -4.87 -2.83 -2.46
CA VAL A 185 -4.93 -3.45 -3.77
C VAL A 185 -3.55 -4.05 -4.10
N ARG A 186 -2.42 -3.48 -3.71
CA ARG A 186 -1.15 -4.14 -3.98
C ARG A 186 -1.14 -5.46 -3.22
N ALA A 187 -1.52 -5.53 -1.95
CA ALA A 187 -1.50 -6.80 -1.20
C ALA A 187 -2.40 -7.83 -1.86
N LEU A 188 -3.64 -7.47 -2.16
CA LEU A 188 -4.57 -8.43 -2.75
C LEU A 188 -4.10 -8.89 -4.13
N THR A 189 -3.43 -8.08 -4.94
CA THR A 189 -2.94 -8.54 -6.24
C THR A 189 -1.65 -9.36 -6.15
N SER A 190 -1.00 -9.41 -5.01
CA SER A 190 0.06 -10.39 -4.92
C SER A 190 -0.42 -11.56 -4.09
N SER A 191 -1.71 -11.72 -3.83
CA SER A 191 -2.22 -12.82 -2.99
C SER A 191 -2.95 -13.84 -3.85
N GLY A 192 -3.54 -14.85 -3.20
CA GLY A 192 -4.19 -15.94 -3.92
C GLY A 192 -5.41 -15.40 -4.66
N LEU A 193 -5.84 -14.21 -4.28
CA LEU A 193 -6.98 -13.57 -4.94
C LEU A 193 -6.82 -13.41 -6.44
N ALA A 194 -5.59 -13.39 -6.92
CA ALA A 194 -5.27 -13.05 -8.30
C ALA A 194 -5.20 -14.25 -9.22
N SER A 195 -4.93 -15.40 -8.62
CA SER A 195 -4.96 -16.72 -9.21
C SER A 195 -6.09 -17.04 -10.19
N LEU A 196 -5.70 -17.30 -11.44
CA LEU A 196 -6.67 -17.41 -12.53
C LEU A 196 -7.70 -18.49 -12.26
N HIS A 197 -7.26 -19.50 -11.52
CA HIS A 197 -8.02 -20.72 -11.33
C HIS A 197 -9.10 -20.36 -10.32
N LEU A 198 -8.69 -19.78 -9.20
CA LEU A 198 -9.65 -19.21 -8.26
C LEU A 198 -10.66 -18.38 -9.05
N VAL A 199 -10.13 -17.30 -9.62
CA VAL A 199 -10.99 -16.23 -10.12
C VAL A 199 -12.16 -16.77 -10.95
N HIS A 200 -11.92 -17.79 -11.79
CA HIS A 200 -12.95 -18.25 -12.71
C HIS A 200 -13.79 -19.40 -12.14
N ASP A 201 -13.45 -19.92 -10.96
CA ASP A 201 -14.44 -20.70 -10.19
C ASP A 201 -15.55 -19.81 -9.64
N TRP A 202 -15.33 -18.50 -9.62
CA TRP A 202 -16.39 -17.58 -9.26
C TRP A 202 -17.31 -17.46 -10.46
N ASN A 203 -16.69 -17.30 -11.62
CA ASN A 203 -17.46 -17.34 -12.85
C ASN A 203 -18.33 -18.59 -12.93
N ARG A 204 -17.85 -19.70 -12.38
CA ARG A 204 -18.68 -20.90 -12.45
C ARG A 204 -19.80 -20.90 -11.41
N GLU A 205 -19.57 -20.38 -10.20
CA GLU A 205 -20.67 -20.15 -9.25
C GLU A 205 -21.70 -19.19 -9.83
N PHE A 206 -21.22 -18.11 -10.46
CA PHE A 206 -22.09 -17.24 -11.25
C PHE A 206 -22.96 -17.99 -12.24
N VAL A 207 -22.40 -18.88 -13.05
CA VAL A 207 -23.20 -19.56 -14.08
C VAL A 207 -24.24 -20.51 -13.52
N ARG A 208 -23.90 -21.18 -12.41
CA ARG A 208 -24.88 -22.02 -11.70
C ARG A 208 -26.07 -21.20 -11.23
N THR A 209 -25.81 -20.11 -10.51
CA THR A 209 -26.83 -19.35 -9.79
C THR A 209 -27.59 -18.31 -10.63
N SER A 210 -27.08 -17.91 -11.79
CA SER A 210 -27.76 -16.88 -12.60
C SER A 210 -28.89 -17.46 -13.45
N PRO A 211 -29.89 -16.64 -13.81
CA PRO A 211 -31.02 -17.12 -14.57
C PRO A 211 -30.79 -17.16 -16.08
N ALA A 212 -29.87 -16.33 -16.57
CA ALA A 212 -29.42 -16.45 -17.96
C ALA A 212 -28.20 -17.38 -17.98
N GLY A 213 -28.09 -18.23 -16.96
CA GLY A 213 -26.95 -19.11 -16.79
C GLY A 213 -26.76 -20.07 -17.95
N ALA A 214 -27.85 -20.63 -18.46
CA ALA A 214 -27.74 -21.56 -19.57
C ALA A 214 -27.04 -20.87 -20.72
N ARG A 215 -27.26 -19.57 -20.87
CA ARG A 215 -26.76 -18.83 -22.03
C ARG A 215 -25.24 -18.73 -22.01
N TYR A 216 -24.66 -18.66 -20.81
CA TYR A 216 -23.22 -18.46 -20.65
C TYR A 216 -22.41 -19.71 -20.31
N GLU A 217 -23.08 -20.86 -20.19
CA GLU A 217 -22.42 -22.09 -19.76
C GLU A 217 -21.29 -22.47 -20.70
N ALA A 218 -21.62 -22.47 -21.99
CA ALA A 218 -20.68 -22.85 -23.03
C ALA A 218 -19.36 -22.07 -22.97
N LEU A 219 -19.45 -20.75 -22.79
CA LEU A 219 -18.25 -19.94 -22.80
C LEU A 219 -17.48 -20.20 -21.51
N ALA A 220 -18.22 -20.32 -20.41
CA ALA A 220 -17.71 -20.60 -19.08
C ALA A 220 -16.97 -21.92 -19.06
N THR A 221 -17.51 -22.95 -19.70
CA THR A 221 -16.87 -24.27 -19.80
C THR A 221 -15.61 -24.22 -20.66
N GLU A 222 -15.69 -23.52 -21.78
CA GLU A 222 -14.53 -23.30 -22.63
C GLU A 222 -13.33 -22.63 -21.94
N ILE A 223 -13.60 -21.52 -21.28
CA ILE A 223 -12.58 -20.81 -20.49
C ILE A 223 -11.96 -21.73 -19.43
N ASP A 224 -12.81 -22.55 -18.83
CA ASP A 224 -12.43 -23.52 -17.82
C ASP A 224 -11.42 -24.54 -18.36
N ARG A 225 -11.79 -25.13 -19.49
CA ARG A 225 -10.96 -26.07 -20.23
C ARG A 225 -9.66 -25.43 -20.71
N GLY A 226 -9.76 -24.15 -21.05
CA GLY A 226 -8.60 -23.33 -21.37
C GLY A 226 -7.60 -23.37 -20.24
N LEU A 227 -8.11 -23.22 -19.03
CA LEU A 227 -7.28 -23.03 -17.85
C LEU A 227 -6.69 -24.37 -17.42
N ARG A 228 -7.55 -25.38 -17.44
CA ARG A 228 -7.17 -26.76 -17.19
C ARG A 228 -6.14 -27.18 -18.23
N PHE A 229 -6.21 -26.63 -19.42
CA PHE A 229 -5.19 -26.94 -20.42
C PHE A 229 -3.91 -26.17 -20.08
N MET A 230 -3.99 -24.92 -19.64
CA MET A 230 -2.76 -24.25 -19.24
C MET A 230 -2.02 -25.09 -18.25
N SER A 231 -2.74 -25.50 -17.21
CA SER A 231 -2.10 -26.20 -16.11
C SER A 231 -1.62 -27.59 -16.46
N ALA A 232 -2.21 -28.19 -17.49
CA ALA A 232 -1.88 -29.57 -17.86
C ALA A 232 -0.57 -29.54 -18.66
N CYS A 233 -0.34 -28.41 -19.33
CA CYS A 233 0.87 -28.16 -20.09
C CYS A 233 1.99 -27.70 -19.18
N GLY A 234 1.80 -27.73 -17.86
CA GLY A 234 2.84 -27.40 -16.90
C GLY A 234 2.96 -25.98 -16.41
N VAL A 235 1.98 -25.13 -16.70
CA VAL A 235 1.94 -23.80 -16.09
C VAL A 235 1.29 -23.86 -14.71
N ALA A 236 2.00 -23.41 -13.68
CA ALA A 236 1.43 -23.18 -12.36
C ALA A 236 1.51 -21.68 -12.06
N ASP A 237 0.87 -21.21 -11.00
CA ASP A 237 0.67 -19.77 -10.85
C ASP A 237 1.95 -18.93 -10.72
N ARG A 238 3.00 -19.48 -10.12
CA ARG A 238 4.29 -18.80 -10.07
C ARG A 238 4.99 -18.64 -11.43
N ASN A 239 4.45 -19.27 -12.48
CA ASN A 239 4.96 -19.13 -13.85
C ASN A 239 4.34 -17.98 -14.64
N LEU A 240 3.35 -17.28 -14.07
CA LEU A 240 2.62 -16.27 -14.82
C LEU A 240 3.11 -14.83 -14.60
N GLN A 241 3.77 -14.57 -13.49
CA GLN A 241 4.09 -13.21 -13.04
C GLN A 241 2.79 -12.50 -12.69
N THR A 242 2.80 -11.75 -11.59
CA THR A 242 1.56 -11.58 -10.84
C THR A 242 0.71 -10.44 -11.41
N ALA A 243 -0.55 -10.46 -10.99
CA ALA A 243 -1.55 -9.46 -11.33
C ALA A 243 -1.08 -8.03 -11.11
N GLU A 244 -1.47 -7.19 -12.06
CA GLU A 244 -1.16 -5.77 -12.05
C GLU A 244 -2.50 -5.10 -12.27
N ILE A 245 -2.96 -4.40 -11.24
CA ILE A 245 -4.16 -3.58 -11.25
C ILE A 245 -3.73 -2.15 -10.90
N TYR A 246 -4.07 -1.25 -11.83
CA TYR A 246 -3.59 0.12 -11.81
C TYR A 246 -4.70 0.97 -11.24
N ALA A 247 -4.33 2.07 -10.60
CA ALA A 247 -5.30 3.03 -10.06
C ALA A 247 -5.50 4.17 -11.04
N SER A 248 -6.77 4.50 -11.28
CA SER A 248 -7.20 5.72 -11.95
C SER A 248 -8.39 6.41 -11.29
N HIS A 249 -8.50 7.70 -11.58
CA HIS A 249 -9.66 8.48 -11.23
C HIS A 249 -9.75 9.65 -12.21
N GLU A 250 -10.91 10.26 -12.31
CA GLU A 250 -10.99 11.60 -12.90
C GLU A 250 -10.17 12.69 -12.21
N ALA A 251 -9.28 13.31 -12.97
CA ALA A 251 -8.49 14.42 -12.48
C ALA A 251 -9.35 15.68 -12.48
N LEU A 252 -10.01 15.95 -11.34
CA LEU A 252 -10.94 17.06 -11.28
C LEU A 252 -10.52 18.25 -10.43
N VAL A 253 -10.03 17.96 -9.23
CA VAL A 253 -9.65 18.90 -8.20
C VAL A 253 -8.15 19.17 -8.28
N LEU A 254 -7.88 20.30 -8.94
CA LEU A 254 -6.53 20.69 -9.26
C LEU A 254 -5.63 20.91 -8.05
N ASP A 255 -6.16 21.33 -6.91
CA ASP A 255 -5.36 21.47 -5.68
C ASP A 255 -4.83 20.13 -5.19
N TYR A 256 -5.61 19.07 -5.43
CA TYR A 256 -5.13 17.75 -5.03
C TYR A 256 -4.11 17.28 -6.04
N GLU A 257 -4.47 17.32 -7.33
CA GLU A 257 -3.59 16.76 -8.35
C GLU A 257 -2.26 17.47 -8.39
N ARG A 258 -2.25 18.80 -8.32
CA ARG A 258 -0.96 19.45 -8.29
C ARG A 258 -0.17 19.27 -6.99
N ALA A 259 -0.84 19.08 -5.86
CA ALA A 259 -0.12 18.78 -4.61
C ALA A 259 0.57 17.42 -4.72
N MET A 260 0.11 16.55 -5.62
CA MET A 260 0.67 15.21 -5.72
C MET A 260 1.69 14.97 -6.83
N LEU A 261 2.08 16.09 -7.45
CA LEU A 261 3.15 16.09 -8.45
C LEU A 261 4.50 15.79 -7.82
N ARG A 262 5.25 14.94 -8.50
CA ARG A 262 6.63 14.62 -8.15
C ARG A 262 7.47 14.57 -9.40
N LEU A 263 8.77 14.65 -9.18
CA LEU A 263 9.82 14.47 -10.18
C LEU A 263 10.41 13.06 -10.11
N SER A 264 10.69 12.38 -11.21
CA SER A 264 11.22 11.00 -11.17
C SER A 264 12.74 10.91 -10.97
N ASP A 265 13.23 9.82 -10.38
CA ASP A 265 14.64 9.61 -10.04
C ASP A 265 15.55 10.40 -10.97
N GLY A 266 15.35 10.18 -12.26
CA GLY A 266 16.36 10.53 -13.26
C GLY A 266 17.39 9.42 -13.39
N ASP A 267 17.00 8.20 -13.04
CA ASP A 267 17.79 6.97 -13.16
C ASP A 267 17.22 6.23 -14.36
N ASP A 268 15.90 6.07 -14.34
CA ASP A 268 15.10 5.66 -15.49
C ASP A 268 15.76 6.33 -16.69
N GLY A 269 15.72 7.67 -16.65
CA GLY A 269 16.47 8.51 -17.57
C GLY A 269 15.62 9.73 -17.84
N GLU A 270 16.14 10.91 -17.53
N GLU A 270 16.12 10.90 -17.45
CA GLU A 270 15.46 12.18 -17.75
CA GLU A 270 15.49 12.18 -17.75
C GLU A 270 14.35 12.41 -16.72
C GLU A 270 14.34 12.48 -16.80
N PRO A 271 14.55 13.37 -15.80
CA PRO A 271 13.48 13.79 -14.90
C PRO A 271 12.28 14.39 -15.62
N GLN A 272 11.11 14.21 -15.03
CA GLN A 272 9.87 14.78 -15.55
C GLN A 272 8.76 14.67 -14.51
N LEU A 273 7.73 15.49 -14.67
CA LEU A 273 6.61 15.57 -13.73
C LEU A 273 5.66 14.38 -13.90
N PHE A 274 5.37 13.64 -12.84
CA PHE A 274 4.34 12.58 -12.78
C PHE A 274 3.26 12.95 -11.75
N ASP A 275 1.98 12.71 -12.03
CA ASP A 275 0.93 12.83 -10.99
C ASP A 275 0.94 11.45 -10.31
N LEU A 276 1.41 11.43 -9.06
CA LEU A 276 1.56 10.23 -8.23
C LEU A 276 0.41 9.98 -7.25
N SER A 277 -0.70 10.69 -7.50
CA SER A 277 -1.99 10.33 -6.97
C SER A 277 -2.55 9.09 -7.66
N ALA A 278 -2.08 8.73 -8.84
CA ALA A 278 -2.65 7.57 -9.51
C ALA A 278 -1.74 7.14 -10.64
N HIS A 279 -2.11 6.10 -11.40
CA HIS A 279 -1.28 5.70 -12.54
C HIS A 279 -1.70 6.47 -13.80
N THR A 280 -3.00 6.49 -14.05
CA THR A 280 -3.57 7.21 -15.19
C THR A 280 -4.80 7.94 -14.70
N VAL A 281 -5.09 9.07 -15.33
CA VAL A 281 -6.28 9.81 -14.96
C VAL A 281 -6.93 10.29 -16.25
N TRP A 282 -8.19 10.69 -16.15
CA TRP A 282 -8.98 11.19 -17.25
C TRP A 282 -9.61 12.51 -16.83
N ILE A 283 -9.84 13.30 -17.88
CA ILE A 283 -10.58 14.55 -17.82
C ILE A 283 -11.97 14.36 -18.38
N GLY A 284 -12.93 14.91 -17.63
CA GLY A 284 -14.35 14.65 -17.83
C GLY A 284 -14.89 15.57 -18.89
N GLU A 285 -16.15 15.37 -19.22
CA GLU A 285 -16.82 16.07 -20.29
C GLU A 285 -17.12 17.51 -19.90
N ARG A 286 -17.14 17.81 -18.60
CA ARG A 286 -17.48 19.16 -18.15
C ARG A 286 -16.24 20.03 -17.91
N THR A 287 -15.05 19.44 -18.01
CA THR A 287 -13.83 20.12 -17.59
C THR A 287 -12.75 20.02 -18.65
N ARG A 288 -13.12 19.75 -19.89
CA ARG A 288 -12.18 19.48 -20.95
C ARG A 288 -12.12 20.62 -21.96
N GLN A 289 -12.44 21.83 -21.51
CA GLN A 289 -12.29 23.01 -22.34
C GLN A 289 -10.86 23.03 -22.87
N ILE A 290 -10.73 23.20 -24.18
CA ILE A 290 -9.45 23.13 -24.88
C ILE A 290 -8.36 24.06 -24.33
N ASP A 291 -8.77 25.22 -23.81
CA ASP A 291 -7.85 26.21 -23.28
C ASP A 291 -7.96 26.29 -21.77
N GLY A 292 -8.49 25.22 -21.18
CA GLY A 292 -8.72 25.18 -19.74
C GLY A 292 -7.58 24.61 -18.92
N ALA A 293 -7.66 24.80 -17.61
CA ALA A 293 -6.65 24.27 -16.70
C ALA A 293 -6.50 22.74 -16.64
N HIS A 294 -7.56 21.98 -16.91
CA HIS A 294 -7.45 20.53 -16.93
C HIS A 294 -6.67 19.95 -18.09
N ILE A 295 -6.96 20.41 -19.29
CA ILE A 295 -6.19 19.98 -20.46
C ILE A 295 -4.74 20.40 -20.32
N ALA A 296 -4.49 21.61 -19.82
CA ALA A 296 -3.12 22.12 -19.68
C ALA A 296 -2.33 21.27 -18.69
N PHE A 297 -3.05 20.82 -17.68
CA PHE A 297 -2.44 20.10 -16.58
C PHE A 297 -2.07 18.70 -17.09
N ALA A 298 -2.93 18.11 -17.91
CA ALA A 298 -2.71 16.80 -18.49
C ALA A 298 -1.50 16.96 -19.41
N GLN A 299 -1.29 18.13 -20.00
CA GLN A 299 -0.21 18.29 -20.97
C GLN A 299 1.13 18.19 -20.29
N VAL A 300 1.16 18.68 -19.05
CA VAL A 300 2.40 18.84 -18.31
C VAL A 300 2.83 17.53 -17.62
N ILE A 301 1.92 16.61 -17.35
CA ILE A 301 2.21 15.38 -16.61
C ILE A 301 2.57 14.25 -17.57
N ALA A 302 3.57 13.47 -17.17
CA ALA A 302 3.98 12.29 -17.90
C ALA A 302 2.93 11.17 -17.92
N ASN A 303 2.05 11.00 -16.93
CA ASN A 303 1.06 9.90 -16.94
C ASN A 303 0.27 9.74 -18.22
N PRO A 304 -0.07 8.50 -18.63
CA PRO A 304 -1.11 8.36 -19.63
C PRO A 304 -2.38 9.07 -19.18
N VAL A 305 -3.08 9.67 -20.13
CA VAL A 305 -4.33 10.36 -19.82
C VAL A 305 -5.44 9.93 -20.78
N GLY A 306 -6.68 10.22 -20.41
CA GLY A 306 -7.89 9.98 -21.20
C GLY A 306 -8.79 11.21 -21.20
N VAL A 307 -9.59 11.35 -22.25
CA VAL A 307 -10.56 12.44 -22.42
C VAL A 307 -11.90 11.84 -22.81
N LYS A 308 -12.93 12.23 -22.06
CA LYS A 308 -14.30 11.77 -22.25
C LYS A 308 -14.87 12.55 -23.41
N LEU A 309 -15.29 11.82 -24.44
CA LEU A 309 -15.89 12.43 -25.63
C LEU A 309 -17.38 12.08 -25.77
N GLY A 310 -18.25 13.09 -25.69
CA GLY A 310 -19.70 12.92 -25.73
C GLY A 310 -20.35 13.22 -27.05
N PRO A 311 -21.69 13.26 -27.09
CA PRO A 311 -22.38 13.53 -28.35
C PRO A 311 -22.09 14.88 -29.00
N ASN A 312 -21.86 15.96 -28.26
CA ASN A 312 -21.50 17.24 -28.89
C ASN A 312 -20.12 17.29 -29.57
N MET A 313 -19.28 16.28 -29.37
CA MET A 313 -17.92 16.27 -29.90
C MET A 313 -17.78 16.35 -31.41
N THR A 314 -16.82 17.13 -31.90
CA THR A 314 -16.53 17.19 -33.32
C THR A 314 -15.22 16.50 -33.64
N PRO A 315 -15.13 16.01 -34.87
CA PRO A 315 -13.84 15.50 -35.27
C PRO A 315 -12.71 16.51 -35.05
N GLU A 316 -13.00 17.79 -35.28
CA GLU A 316 -11.97 18.81 -35.23
C GLU A 316 -11.58 19.07 -33.77
N LEU A 317 -12.47 18.96 -32.80
CA LEU A 317 -12.06 19.17 -31.40
C LEU A 317 -11.21 17.98 -30.94
N ALA A 318 -11.49 16.81 -31.51
CA ALA A 318 -10.83 15.58 -31.17
C ALA A 318 -9.37 15.60 -31.67
N VAL A 319 -9.17 16.04 -32.91
CA VAL A 319 -7.83 16.25 -33.45
C VAL A 319 -7.05 17.24 -32.61
N GLU A 320 -7.72 18.28 -32.10
CA GLU A 320 -7.02 19.22 -31.23
C GLU A 320 -6.56 18.54 -29.94
N TYR A 321 -7.37 17.66 -29.38
CA TYR A 321 -6.99 16.93 -28.17
C TYR A 321 -5.72 16.13 -28.41
N VAL A 322 -5.65 15.54 -29.60
CA VAL A 322 -4.54 14.70 -29.99
C VAL A 322 -3.29 15.54 -30.16
N GLU A 323 -3.44 16.68 -30.82
CA GLU A 323 -2.35 17.65 -30.91
C GLU A 323 -1.94 18.19 -29.55
N ARG A 324 -2.89 18.45 -28.68
CA ARG A 324 -2.54 18.98 -27.37
C ARG A 324 -1.93 17.92 -26.47
N LEU A 325 -2.52 16.73 -26.42
CA LEU A 325 -2.17 15.72 -25.43
C LEU A 325 -1.19 14.63 -25.90
N ASP A 326 -0.93 14.52 -27.20
CA ASP A 326 0.08 13.59 -27.70
C ASP A 326 1.04 14.28 -28.66
N PRO A 327 1.67 15.37 -28.21
CA PRO A 327 2.48 16.07 -29.21
C PRO A 327 3.66 15.27 -29.73
N HIS A 328 4.15 14.27 -29.01
CA HIS A 328 5.28 13.45 -29.48
C HIS A 328 4.94 12.16 -30.21
N ASN A 329 3.67 11.87 -30.42
CA ASN A 329 3.20 10.66 -31.08
C ASN A 329 3.63 9.40 -30.33
N LYS A 330 3.20 9.30 -29.08
CA LYS A 330 3.46 8.12 -28.26
C LYS A 330 2.20 7.28 -28.12
N PRO A 331 2.21 6.07 -28.69
CA PRO A 331 1.05 5.19 -28.64
C PRO A 331 0.57 4.87 -27.22
N GLY A 332 -0.67 5.25 -26.92
CA GLY A 332 -1.25 4.89 -25.64
C GLY A 332 -1.06 5.97 -24.61
N ARG A 333 -0.39 7.05 -24.99
CA ARG A 333 -0.34 8.20 -24.09
C ARG A 333 -1.75 8.78 -24.00
N LEU A 334 -2.50 8.82 -25.09
CA LEU A 334 -3.84 9.40 -25.04
C LEU A 334 -4.84 8.29 -25.33
N THR A 335 -5.79 8.11 -24.41
CA THR A 335 -7.02 7.39 -24.62
C THR A 335 -8.21 8.31 -24.91
N LEU A 336 -8.95 8.06 -25.99
CA LEU A 336 -10.18 8.84 -26.19
C LEU A 336 -11.42 8.04 -25.86
N VAL A 337 -12.24 8.53 -24.94
CA VAL A 337 -13.28 7.69 -24.35
C VAL A 337 -14.65 8.04 -24.91
N SER A 338 -15.20 7.13 -25.71
CA SER A 338 -16.50 7.36 -26.34
C SER A 338 -17.68 7.16 -25.40
N ARG A 339 -18.50 8.19 -25.23
CA ARG A 339 -19.69 8.01 -24.41
C ARG A 339 -20.82 8.77 -25.07
N MET A 340 -21.56 8.11 -25.94
CA MET A 340 -22.49 8.82 -26.80
C MET A 340 -23.96 8.47 -26.66
N GLY A 341 -24.29 7.37 -25.97
CA GLY A 341 -25.62 6.78 -26.06
C GLY A 341 -25.73 5.76 -27.18
N ASN A 342 -26.53 4.72 -26.95
CA ASN A 342 -26.55 3.56 -27.82
C ASN A 342 -27.38 3.86 -29.06
N HIS A 343 -28.27 4.85 -28.96
CA HIS A 343 -28.99 5.36 -30.13
C HIS A 343 -28.12 6.23 -31.03
N LYS A 344 -26.98 6.71 -30.54
CA LYS A 344 -26.11 7.62 -31.27
C LYS A 344 -24.69 7.16 -31.63
N VAL A 345 -24.13 6.17 -30.94
CA VAL A 345 -22.72 5.87 -31.20
C VAL A 345 -22.45 5.45 -32.64
N ARG A 346 -23.32 4.62 -33.21
CA ARG A 346 -23.15 4.16 -34.60
C ARG A 346 -23.06 5.29 -35.62
N ASP A 347 -23.70 6.42 -35.35
CA ASP A 347 -23.73 7.51 -36.32
C ASP A 347 -22.70 8.57 -36.03
N LEU A 348 -22.49 8.86 -34.75
CA LEU A 348 -21.65 9.95 -34.28
C LEU A 348 -20.16 9.63 -34.12
N LEU A 349 -19.81 8.41 -33.74
CA LEU A 349 -18.40 8.06 -33.50
C LEU A 349 -17.53 8.00 -34.76
N PRO A 350 -18.04 7.36 -35.83
CA PRO A 350 -17.27 7.15 -37.05
C PRO A 350 -16.50 8.35 -37.62
N PRO A 351 -17.14 9.52 -37.81
CA PRO A 351 -16.29 10.58 -38.37
C PRO A 351 -15.24 11.07 -37.37
N ILE A 352 -15.41 10.77 -36.09
CA ILE A 352 -14.41 11.20 -35.11
C ILE A 352 -13.17 10.33 -35.29
N VAL A 353 -13.39 9.03 -35.43
CA VAL A 353 -12.30 8.08 -35.64
C VAL A 353 -11.52 8.28 -36.93
N GLU A 354 -12.27 8.46 -38.02
CA GLU A 354 -11.67 8.71 -39.31
C GLU A 354 -10.69 9.86 -39.17
N LYS A 355 -11.13 10.98 -38.60
CA LYS A 355 -10.30 12.18 -38.62
C LYS A 355 -9.11 12.04 -37.67
N VAL A 356 -9.29 11.32 -36.56
CA VAL A 356 -8.18 11.13 -35.65
C VAL A 356 -7.21 10.11 -36.23
N GLN A 357 -7.73 9.10 -36.90
CA GLN A 357 -6.82 8.10 -37.48
C GLN A 357 -6.00 8.76 -38.57
N ALA A 358 -6.53 9.83 -39.18
CA ALA A 358 -5.78 10.43 -40.28
C ALA A 358 -4.64 11.31 -39.77
N THR A 359 -4.68 11.67 -38.48
CA THR A 359 -3.60 12.50 -37.95
C THR A 359 -2.28 11.75 -37.88
N GLY A 360 -2.33 10.44 -38.02
CA GLY A 360 -1.12 9.66 -37.94
C GLY A 360 -0.79 9.34 -36.48
N HIS A 361 -1.57 9.78 -35.50
CA HIS A 361 -1.27 9.43 -34.11
C HIS A 361 -1.92 8.10 -33.67
N GLN A 362 -1.40 7.45 -32.62
CA GLN A 362 -2.06 6.23 -32.18
C GLN A 362 -2.70 6.32 -30.80
N VAL A 363 -3.97 6.69 -30.77
CA VAL A 363 -4.72 6.78 -29.53
C VAL A 363 -5.38 5.45 -29.21
N ILE A 364 -5.84 5.27 -27.98
CA ILE A 364 -6.65 4.11 -27.61
C ILE A 364 -8.10 4.60 -27.67
N TRP A 365 -8.95 3.86 -28.36
CA TRP A 365 -10.38 4.14 -28.48
C TRP A 365 -11.06 3.28 -27.45
N GLN A 366 -11.63 3.90 -26.42
CA GLN A 366 -12.25 3.07 -25.41
C GLN A 366 -13.72 3.48 -25.33
N CYS A 367 -14.56 2.50 -25.01
CA CYS A 367 -16.01 2.70 -24.98
C CYS A 367 -16.44 2.92 -23.54
N ASP A 368 -17.22 3.96 -23.27
CA ASP A 368 -17.86 4.14 -21.96
C ASP A 368 -19.35 4.04 -22.24
N PRO A 369 -19.93 2.86 -21.98
CA PRO A 369 -21.30 2.65 -22.42
C PRO A 369 -22.25 3.03 -21.31
N MET A 370 -21.77 3.64 -20.24
CA MET A 370 -22.64 4.00 -19.13
C MET A 370 -23.19 5.41 -19.25
N HIS A 371 -22.32 6.39 -19.44
CA HIS A 371 -22.65 7.76 -19.06
C HIS A 371 -23.61 8.40 -20.05
N GLY A 372 -23.62 7.88 -21.27
CA GLY A 372 -24.50 8.38 -22.31
C GLY A 372 -25.92 7.86 -22.20
N ASN A 373 -26.15 6.87 -21.34
CA ASN A 373 -27.38 6.11 -21.34
C ASN A 373 -28.11 6.13 -20.00
N THR A 374 -28.11 7.27 -19.32
CA THR A 374 -28.75 7.37 -18.01
C THR A 374 -30.16 7.98 -18.11
N HIS A 375 -31.04 7.54 -17.22
CA HIS A 375 -32.42 8.02 -17.14
C HIS A 375 -33.05 7.77 -15.77
N GLU A 376 -34.11 8.51 -15.47
CA GLU A 376 -34.78 8.45 -14.17
C GLU A 376 -36.01 7.55 -14.29
N SER A 377 -36.24 6.70 -13.30
CA SER A 377 -37.39 5.80 -13.32
C SER A 377 -38.59 6.49 -12.70
N SER A 378 -39.79 5.97 -12.98
CA SER A 378 -41.04 6.51 -12.45
C SER A 378 -41.07 6.39 -10.93
N THR A 379 -40.24 5.51 -10.40
CA THR A 379 -40.16 5.27 -8.95
C THR A 379 -39.09 6.11 -8.23
N GLY A 380 -38.59 7.16 -8.88
CA GLY A 380 -37.71 8.13 -8.23
C GLY A 380 -36.23 8.03 -8.56
N PHE A 381 -35.73 6.82 -8.70
CA PHE A 381 -34.29 6.58 -8.74
C PHE A 381 -33.73 6.85 -10.12
N LYS A 382 -32.46 7.22 -10.14
CA LYS A 382 -31.70 7.46 -11.36
C LYS A 382 -31.08 6.13 -11.80
N THR A 383 -31.29 5.76 -13.05
CA THR A 383 -30.96 4.41 -13.49
C THR A 383 -30.47 4.33 -14.94
N ARG A 384 -30.08 3.13 -15.36
CA ARG A 384 -29.60 2.86 -16.71
C ARG A 384 -30.15 1.51 -17.13
N HIS A 385 -30.43 1.31 -18.41
CA HIS A 385 -30.87 0.00 -18.83
C HIS A 385 -29.70 -0.82 -19.34
N PHE A 386 -29.41 -1.88 -18.59
CA PHE A 386 -28.46 -2.90 -19.03
C PHE A 386 -28.48 -3.10 -20.54
N ASP A 387 -29.66 -3.35 -21.11
CA ASP A 387 -29.79 -3.54 -22.55
C ASP A 387 -29.19 -2.41 -23.39
N ARG A 388 -29.38 -1.16 -22.96
CA ARG A 388 -28.85 -0.01 -23.68
C ARG A 388 -27.33 0.07 -23.53
N ILE A 389 -26.83 -0.24 -22.34
CA ILE A 389 -25.41 -0.36 -22.09
C ILE A 389 -24.78 -1.38 -23.03
N VAL A 390 -25.33 -2.59 -23.09
CA VAL A 390 -24.83 -3.59 -24.02
C VAL A 390 -24.83 -3.07 -25.45
N ASP A 391 -25.91 -2.42 -25.82
CA ASP A 391 -26.06 -2.08 -27.22
C ASP A 391 -25.04 -1.02 -27.62
N GLU A 392 -24.55 -0.28 -26.63
CA GLU A 392 -23.59 0.76 -26.92
C GLU A 392 -22.24 0.12 -27.20
N VAL A 393 -21.85 -0.90 -26.43
CA VAL A 393 -20.58 -1.57 -26.73
C VAL A 393 -20.68 -2.22 -28.10
N GLN A 394 -21.84 -2.83 -28.39
CA GLN A 394 -22.12 -3.47 -29.68
C GLN A 394 -21.85 -2.47 -30.80
N GLY A 395 -22.42 -1.28 -30.68
CA GLY A 395 -22.31 -0.27 -31.72
C GLY A 395 -20.89 0.25 -31.88
N PHE A 396 -20.20 0.40 -30.77
CA PHE A 396 -18.77 0.76 -30.77
C PHE A 396 -17.93 -0.32 -31.45
N PHE A 397 -18.15 -1.60 -31.17
CA PHE A 397 -17.49 -2.63 -31.96
C PHE A 397 -17.84 -2.55 -33.44
N GLU A 398 -19.07 -2.17 -33.78
CA GLU A 398 -19.44 -2.20 -35.19
C GLU A 398 -18.74 -1.10 -35.98
N VAL A 399 -18.69 0.11 -35.43
CA VAL A 399 -17.90 1.17 -36.03
C VAL A 399 -16.42 0.85 -36.21
N HIS A 400 -15.78 0.31 -35.18
CA HIS A 400 -14.39 -0.11 -35.34
C HIS A 400 -14.16 -1.19 -36.40
N ARG A 401 -15.03 -2.21 -36.46
N ARG A 401 -15.06 -2.16 -36.47
CA ARG A 401 -14.93 -3.23 -37.50
CA ARG A 401 -14.98 -3.24 -37.46
C ARG A 401 -15.07 -2.54 -38.86
C ARG A 401 -15.19 -2.71 -38.87
N ALA A 402 -16.16 -1.80 -39.05
CA ALA A 402 -16.37 -1.13 -40.32
C ALA A 402 -15.15 -0.33 -40.72
N LEU A 403 -14.50 0.34 -39.77
CA LEU A 403 -13.33 1.14 -40.09
C LEU A 403 -11.97 0.40 -40.13
N GLY A 404 -11.83 -0.76 -39.52
CA GLY A 404 -10.54 -1.44 -39.45
C GLY A 404 -9.63 -0.97 -38.33
N THR A 405 -10.19 -0.10 -37.50
CA THR A 405 -9.49 0.30 -36.28
C THR A 405 -9.83 -0.64 -35.12
N HIS A 406 -9.24 -0.36 -33.97
CA HIS A 406 -9.23 -1.31 -32.87
C HIS A 406 -10.12 -0.81 -31.76
N PRO A 407 -11.23 -1.51 -31.52
CA PRO A 407 -11.99 -1.28 -30.32
C PRO A 407 -11.06 -1.60 -29.15
N GLY A 408 -10.52 -0.57 -28.51
CA GLY A 408 -9.43 -0.79 -27.55
C GLY A 408 -9.84 -1.21 -26.16
N GLY A 409 -11.08 -0.99 -25.78
CA GLY A 409 -11.37 -1.33 -24.40
C GLY A 409 -12.67 -0.77 -23.94
N ILE A 410 -13.00 -1.05 -22.68
CA ILE A 410 -14.22 -0.47 -22.13
C ILE A 410 -13.89 0.21 -20.78
N HIS A 411 -14.82 1.04 -20.32
CA HIS A 411 -14.71 1.90 -19.15
C HIS A 411 -16.08 1.84 -18.46
N VAL A 412 -16.18 1.15 -17.34
CA VAL A 412 -17.49 0.83 -16.78
C VAL A 412 -17.54 1.08 -15.29
N GLU A 413 -18.74 1.37 -14.78
CA GLU A 413 -18.96 1.66 -13.36
C GLU A 413 -19.62 0.42 -12.76
N ILE A 414 -18.89 -0.26 -11.89
CA ILE A 414 -19.31 -1.59 -11.42
C ILE A 414 -19.02 -1.73 -9.93
N THR A 415 -19.74 -2.63 -9.27
CA THR A 415 -19.38 -3.08 -7.93
C THR A 415 -19.48 -4.58 -7.75
N GLY A 416 -18.73 -5.08 -6.78
CA GLY A 416 -18.83 -6.45 -6.29
C GLY A 416 -20.02 -6.66 -5.37
N GLU A 417 -20.63 -5.59 -4.89
CA GLU A 417 -21.87 -5.66 -4.12
C GLU A 417 -23.03 -6.17 -4.95
N ASN A 418 -24.03 -6.78 -4.30
CA ASN A 418 -25.26 -7.21 -4.98
C ASN A 418 -26.35 -6.13 -4.96
N VAL A 419 -26.04 -5.04 -5.66
CA VAL A 419 -26.79 -3.79 -5.55
C VAL A 419 -27.94 -3.84 -6.54
N THR A 420 -28.90 -2.93 -6.41
CA THR A 420 -30.05 -2.90 -7.31
C THR A 420 -30.14 -1.49 -7.89
N GLU A 421 -29.18 -1.11 -8.74
CA GLU A 421 -29.09 0.27 -9.24
C GLU A 421 -29.41 0.43 -10.72
N CYS A 422 -28.89 -0.48 -11.53
CA CYS A 422 -29.15 -0.55 -12.97
C CYS A 422 -30.27 -1.55 -13.27
N LEU A 423 -31.06 -1.26 -14.30
CA LEU A 423 -32.24 -2.07 -14.62
C LEU A 423 -31.94 -3.24 -15.54
N GLY A 424 -32.67 -4.34 -15.35
CA GLY A 424 -32.59 -5.48 -16.24
C GLY A 424 -31.42 -6.39 -15.90
N GLY A 425 -30.76 -6.89 -16.94
CA GLY A 425 -29.82 -8.00 -16.84
C GLY A 425 -30.54 -9.31 -16.61
N ALA A 426 -29.77 -10.40 -16.54
CA ALA A 426 -30.33 -11.72 -16.24
C ALA A 426 -31.36 -11.70 -15.11
N GLN A 427 -31.10 -10.90 -14.07
CA GLN A 427 -31.94 -10.80 -12.87
C GLN A 427 -33.15 -9.90 -13.07
N ASP A 428 -33.18 -9.23 -14.22
CA ASP A 428 -34.12 -8.14 -14.52
C ASP A 428 -34.61 -7.44 -13.27
N ILE A 429 -33.66 -6.68 -12.79
CA ILE A 429 -33.90 -5.80 -11.73
C ILE A 429 -34.99 -4.81 -12.42
N SER A 430 -36.22 -4.64 -11.86
CA SER A 430 -37.23 -3.68 -12.29
C SER A 430 -37.13 -2.33 -11.58
N GLU A 431 -38.05 -1.43 -11.92
CA GLU A 431 -38.16 -0.13 -11.26
C GLU A 431 -38.53 -0.29 -9.79
N THR A 432 -39.34 -1.30 -9.50
CA THR A 432 -39.68 -1.70 -8.14
C THR A 432 -38.49 -2.18 -7.32
N ASP A 433 -37.56 -2.90 -7.95
CA ASP A 433 -36.41 -3.47 -7.24
C ASP A 433 -35.34 -2.44 -6.90
N LEU A 434 -35.41 -1.23 -7.47
CA LEU A 434 -34.35 -0.26 -7.25
C LEU A 434 -34.27 0.23 -5.80
N ALA A 435 -35.39 0.20 -5.09
CA ALA A 435 -35.43 0.69 -3.71
C ALA A 435 -34.82 -0.27 -2.70
N GLY A 436 -34.50 -1.51 -3.09
CA GLY A 436 -33.96 -2.49 -2.17
C GLY A 436 -32.52 -2.23 -1.76
N ARG A 437 -31.65 -2.05 -2.75
CA ARG A 437 -30.25 -1.77 -2.47
C ARG A 437 -29.68 -0.71 -3.40
N TYR A 438 -30.25 0.49 -3.35
CA TYR A 438 -29.70 1.64 -4.07
C TYR A 438 -28.65 2.38 -3.24
N GLU A 439 -27.38 2.08 -3.51
CA GLU A 439 -26.31 2.45 -2.58
C GLU A 439 -25.27 3.42 -3.10
N THR A 440 -25.18 3.57 -4.41
CA THR A 440 -24.31 4.55 -5.07
C THR A 440 -24.44 5.95 -4.44
N ALA A 441 -23.28 6.58 -4.24
CA ALA A 441 -23.17 7.98 -3.84
C ALA A 441 -23.35 8.91 -5.04
N CYS A 442 -23.45 8.33 -6.23
CA CYS A 442 -23.62 9.07 -7.48
C CYS A 442 -24.36 8.23 -8.51
N ASP A 443 -23.69 7.78 -9.57
CA ASP A 443 -24.36 7.09 -10.67
C ASP A 443 -24.61 5.63 -10.33
N PRO A 444 -25.65 5.02 -10.93
CA PRO A 444 -25.94 3.59 -10.89
C PRO A 444 -24.91 2.63 -11.47
N ARG A 445 -24.42 1.72 -10.63
CA ARG A 445 -23.32 0.83 -10.97
C ARG A 445 -23.88 -0.49 -11.48
N LEU A 446 -23.22 -1.13 -12.44
CA LEU A 446 -23.62 -2.50 -12.72
C LEU A 446 -23.24 -3.28 -11.46
N ASN A 447 -24.10 -4.18 -11.00
CA ASN A 447 -23.70 -4.97 -9.84
C ASN A 447 -22.82 -6.15 -10.25
N THR A 448 -22.42 -6.94 -9.27
CA THR A 448 -21.51 -8.04 -9.52
C THR A 448 -21.96 -8.94 -10.67
N GLN A 449 -23.22 -9.38 -10.64
CA GLN A 449 -23.73 -10.24 -11.69
C GLN A 449 -23.79 -9.60 -13.06
N GLN A 450 -24.31 -8.38 -13.11
CA GLN A 450 -24.44 -7.68 -14.37
C GLN A 450 -23.08 -7.34 -14.98
N SER A 451 -22.14 -6.92 -14.15
CA SER A 451 -20.83 -6.56 -14.71
C SER A 451 -20.17 -7.81 -15.30
N LEU A 452 -20.34 -8.95 -14.67
CA LEU A 452 -19.86 -10.21 -15.22
C LEU A 452 -20.54 -10.59 -16.54
N GLU A 453 -21.86 -10.44 -16.57
CA GLU A 453 -22.66 -10.78 -17.73
C GLU A 453 -22.22 -9.95 -18.93
N LEU A 454 -22.10 -8.65 -18.70
CA LEU A 454 -21.46 -7.79 -19.67
C LEU A 454 -20.09 -8.27 -20.15
N ALA A 455 -19.23 -8.75 -19.25
CA ALA A 455 -17.95 -9.31 -19.72
C ALA A 455 -18.16 -10.46 -20.72
N PHE A 456 -19.05 -11.38 -20.37
CA PHE A 456 -19.34 -12.50 -21.26
C PHE A 456 -19.79 -12.00 -22.64
N LEU A 457 -20.74 -11.06 -22.61
CA LEU A 457 -21.26 -10.47 -23.83
C LEU A 457 -20.21 -9.71 -24.65
N VAL A 458 -19.27 -9.02 -24.01
CA VAL A 458 -18.20 -8.29 -24.70
C VAL A 458 -17.23 -9.33 -25.28
N ALA A 459 -16.95 -10.39 -24.53
CA ALA A 459 -16.23 -11.55 -25.05
C ALA A 459 -16.76 -12.14 -26.37
N GLU A 460 -18.02 -12.54 -26.41
CA GLU A 460 -18.63 -12.89 -27.69
C GLU A 460 -18.47 -11.79 -28.75
N MET A 461 -18.60 -10.52 -28.39
CA MET A 461 -18.23 -9.50 -29.37
C MET A 461 -16.78 -9.57 -29.85
N LEU A 462 -15.83 -9.85 -28.96
CA LEU A 462 -14.42 -9.89 -29.35
C LEU A 462 -14.12 -11.14 -30.21
N ARG A 463 -14.88 -12.20 -30.01
CA ARG A 463 -14.82 -13.43 -30.81
C ARG A 463 -15.41 -13.41 -32.21
N ASP A 464 -16.24 -12.43 -32.53
CA ASP A 464 -16.71 -12.16 -33.89
C ASP A 464 -15.76 -11.24 -34.65
N GLY B 1 -12.56 20.17 9.34
CA GLY B 1 -12.20 21.56 9.72
C GLY B 1 -10.75 21.91 9.44
N ALA B 2 -10.41 22.22 8.18
CA ALA B 2 -9.06 22.70 7.87
C ALA B 2 -8.74 24.02 8.58
N MET B 3 -9.79 24.72 9.00
CA MET B 3 -9.74 25.88 9.89
C MET B 3 -9.09 25.59 11.25
N ASN B 4 -9.42 24.43 11.82
CA ASN B 4 -8.89 23.97 13.10
C ASN B 4 -7.72 22.98 12.91
N TRP B 5 -7.17 22.93 11.71
CA TRP B 5 -6.12 21.99 11.36
C TRP B 5 -6.45 20.55 11.80
N THR B 6 -7.74 20.21 11.72
CA THR B 6 -8.19 18.85 11.97
C THR B 6 -8.98 18.28 10.80
N VAL B 7 -8.91 16.96 10.68
CA VAL B 7 -9.76 16.15 9.81
C VAL B 7 -10.88 15.60 10.67
N ASP B 8 -12.14 15.75 10.29
CA ASP B 8 -13.26 15.36 11.16
C ASP B 8 -13.90 14.07 10.68
N ILE B 9 -13.90 13.02 11.50
CA ILE B 9 -14.48 11.73 11.15
C ILE B 9 -15.69 11.35 11.98
N PRO B 10 -16.85 11.11 11.35
CA PRO B 10 -18.01 10.78 12.15
C PRO B 10 -18.07 9.27 12.36
N ILE B 11 -18.45 8.85 13.57
CA ILE B 11 -18.47 7.44 13.95
C ILE B 11 -19.87 6.85 13.80
N ASP B 12 -20.92 7.68 13.75
CA ASP B 12 -22.27 7.16 13.92
C ASP B 12 -22.79 6.28 12.78
N GLN B 13 -22.33 6.51 11.55
CA GLN B 13 -22.74 5.70 10.39
C GLN B 13 -21.64 4.73 9.99
N LEU B 14 -21.00 4.13 10.99
CA LEU B 14 -20.10 2.99 10.83
C LEU B 14 -20.91 1.76 11.24
N PRO B 15 -21.31 0.90 10.29
CA PRO B 15 -22.36 -0.09 10.52
C PRO B 15 -21.87 -1.43 11.08
N SER B 16 -22.54 -1.93 12.10
CA SER B 16 -22.14 -3.12 12.87
C SER B 16 -21.46 -4.22 12.05
N LEU B 17 -20.37 -4.77 12.59
CA LEU B 17 -19.52 -5.74 11.90
C LEU B 17 -19.77 -7.16 12.45
N PRO B 18 -19.64 -8.21 11.62
CA PRO B 18 -19.80 -9.58 12.11
C PRO B 18 -19.20 -9.92 13.48
N PRO B 19 -19.99 -10.59 14.34
CA PRO B 19 -19.39 -11.01 15.60
C PRO B 19 -18.35 -12.11 15.44
N LEU B 20 -17.31 -12.01 16.25
CA LEU B 20 -16.33 -13.07 16.42
C LEU B 20 -16.86 -14.42 16.91
N PRO B 21 -16.30 -15.53 16.41
CA PRO B 21 -16.47 -16.84 17.02
C PRO B 21 -16.42 -16.69 18.54
N THR B 22 -17.37 -17.32 19.21
CA THR B 22 -17.55 -17.16 20.65
C THR B 22 -16.27 -17.37 21.44
N ASP B 23 -15.56 -18.45 21.20
CA ASP B 23 -14.32 -18.64 21.97
C ASP B 23 -13.30 -17.55 21.72
N LEU B 24 -13.30 -16.98 20.53
CA LEU B 24 -12.21 -16.08 20.20
C LEU B 24 -12.46 -14.79 20.96
N ARG B 25 -13.71 -14.38 21.01
CA ARG B 25 -14.18 -13.30 21.86
C ARG B 25 -13.83 -13.50 23.32
N THR B 26 -14.15 -14.69 23.81
CA THR B 26 -13.87 -14.96 25.21
C THR B 26 -12.38 -14.85 25.48
N ARG B 27 -11.54 -15.36 24.59
CA ARG B 27 -10.10 -15.34 24.84
C ARG B 27 -9.59 -13.93 24.66
N LEU B 28 -10.21 -13.14 23.79
CA LEU B 28 -9.60 -11.85 23.56
C LEU B 28 -9.87 -10.99 24.80
N ASP B 29 -11.13 -10.95 25.24
CA ASP B 29 -11.51 -10.19 26.43
C ASP B 29 -10.70 -10.64 27.64
N ALA B 30 -10.53 -11.95 27.78
CA ALA B 30 -9.67 -12.53 28.81
C ALA B 30 -8.25 -11.98 28.76
N ALA B 31 -7.61 -11.85 27.59
CA ALA B 31 -6.23 -11.36 27.48
C ALA B 31 -6.11 -9.88 27.84
N LEU B 32 -7.03 -9.10 27.30
CA LEU B 32 -7.05 -7.66 27.54
C LEU B 32 -7.55 -7.29 28.93
N ALA B 33 -8.06 -8.20 29.74
CA ALA B 33 -8.51 -7.83 31.08
C ALA B 33 -7.31 -7.99 32.03
N LYS B 34 -6.19 -8.48 31.55
CA LYS B 34 -5.06 -8.75 32.43
C LYS B 34 -4.29 -7.44 32.56
N PRO B 35 -3.54 -7.26 33.65
CA PRO B 35 -2.77 -6.02 33.80
C PRO B 35 -1.80 -5.80 32.62
N ALA B 36 -1.55 -4.55 32.26
CA ALA B 36 -0.89 -4.15 31.02
C ALA B 36 0.03 -3.04 31.47
N ALA B 37 1.34 -3.25 31.36
CA ALA B 37 2.29 -2.17 31.60
C ALA B 37 2.42 -1.18 30.42
N GLN B 38 2.78 0.05 30.73
CA GLN B 38 3.25 1.02 29.73
C GLN B 38 2.20 1.48 28.73
N GLN B 39 0.95 1.42 29.14
CA GLN B 39 -0.13 1.93 28.34
C GLN B 39 -0.35 3.43 28.49
N PRO B 40 -0.88 4.06 27.43
CA PRO B 40 -1.13 5.49 27.54
C PRO B 40 -2.21 5.77 28.60
N THR B 41 -2.33 6.99 29.11
CA THR B 41 -3.25 7.24 30.19
C THR B 41 -4.46 8.05 29.75
N TRP B 42 -4.96 7.83 28.54
CA TRP B 42 -6.02 8.63 27.98
C TRP B 42 -7.38 8.02 28.35
N PRO B 43 -8.44 8.83 28.31
CA PRO B 43 -9.75 8.29 28.65
C PRO B 43 -10.23 7.07 27.82
N ALA B 44 -10.84 6.11 28.52
CA ALA B 44 -11.54 4.98 27.90
C ALA B 44 -12.53 5.39 26.81
N ASP B 45 -13.25 6.49 26.95
CA ASP B 45 -14.28 6.79 25.94
C ASP B 45 -13.71 7.34 24.63
N GLN B 46 -12.66 8.14 24.72
CA GLN B 46 -12.00 8.70 23.54
C GLN B 46 -11.31 7.52 22.84
N ALA B 47 -10.63 6.69 23.61
CA ALA B 47 -9.98 5.51 23.01
C ALA B 47 -10.91 4.64 22.15
N LEU B 48 -12.03 4.31 22.79
CA LEU B 48 -13.14 3.56 22.21
C LEU B 48 -13.54 4.25 20.91
N ALA B 49 -13.80 5.56 20.96
CA ALA B 49 -14.18 6.22 19.72
C ALA B 49 -13.14 5.93 18.65
N MET B 50 -11.85 6.03 18.98
CA MET B 50 -10.79 5.88 17.99
C MET B 50 -10.61 4.43 17.54
N ARG B 51 -10.75 3.49 18.46
CA ARG B 51 -10.73 2.09 18.11
C ARG B 51 -11.81 1.79 17.07
N THR B 52 -12.98 2.41 17.23
CA THR B 52 -14.10 2.14 16.33
C THR B 52 -13.82 2.69 14.94
N VAL B 53 -13.14 3.83 14.89
CA VAL B 53 -12.74 4.32 13.57
C VAL B 53 -11.79 3.31 12.91
N LEU B 54 -10.84 2.74 13.63
CA LEU B 54 -9.89 1.81 13.05
C LEU B 54 -10.35 0.37 12.76
N GLU B 55 -11.50 0.02 13.31
CA GLU B 55 -12.06 -1.30 13.13
C GLU B 55 -12.49 -1.48 11.69
N SER B 56 -12.76 -0.40 11.00
CA SER B 56 -13.29 -0.59 9.65
C SER B 56 -12.32 -0.10 8.57
N VAL B 57 -11.11 0.32 8.91
CA VAL B 57 -10.22 0.75 7.83
C VAL B 57 -9.50 -0.43 7.13
N PRO B 58 -8.92 -0.15 5.95
CA PRO B 58 -8.13 -1.20 5.28
C PRO B 58 -6.92 -1.66 6.09
N PRO B 59 -6.74 -2.97 6.28
CA PRO B 59 -5.61 -3.47 7.02
C PRO B 59 -4.25 -3.05 6.48
N VAL B 60 -3.23 -3.03 7.32
CA VAL B 60 -1.90 -2.75 6.78
C VAL B 60 -1.31 -3.97 6.06
N THR B 61 -1.63 -5.17 6.55
CA THR B 61 -1.16 -6.46 6.02
C THR B 61 -2.37 -7.35 5.93
N VAL B 62 -2.33 -8.38 5.08
CA VAL B 62 -3.37 -9.40 4.92
C VAL B 62 -2.82 -10.74 5.41
N PRO B 63 -3.69 -11.62 5.95
CA PRO B 63 -3.34 -12.94 6.46
C PRO B 63 -2.46 -13.84 5.58
N SER B 64 -2.68 -13.89 4.26
CA SER B 64 -1.88 -14.73 3.38
C SER B 64 -0.41 -14.33 3.47
N GLU B 65 -0.10 -13.04 3.66
CA GLU B 65 1.29 -12.62 3.71
C GLU B 65 1.93 -13.02 5.05
N ILE B 66 1.11 -13.05 6.09
CA ILE B 66 1.51 -13.56 7.38
C ILE B 66 1.69 -15.06 7.38
N VAL B 67 0.86 -15.87 6.73
CA VAL B 67 1.09 -17.31 6.71
C VAL B 67 2.37 -17.55 5.94
N ARG B 68 2.60 -16.79 4.86
N ARG B 68 2.61 -16.81 4.86
CA ARG B 68 3.80 -16.90 4.08
CA ARG B 68 3.85 -16.97 4.09
C ARG B 68 5.07 -16.53 4.88
C ARG B 68 5.09 -16.52 4.87
N LEU B 69 4.96 -15.51 5.71
CA LEU B 69 6.06 -15.19 6.63
C LEU B 69 6.36 -16.35 7.58
N GLN B 70 5.36 -16.92 8.21
CA GLN B 70 5.60 -18.13 9.01
C GLN B 70 6.37 -19.29 8.34
N GLU B 71 6.13 -19.51 7.05
CA GLU B 71 6.77 -20.61 6.34
C GLU B 71 8.24 -20.22 6.16
N GLN B 72 8.53 -18.96 5.89
CA GLN B 72 9.89 -18.48 5.68
C GLN B 72 10.69 -18.47 6.99
N LEU B 73 9.98 -18.12 8.06
CA LEU B 73 10.58 -18.16 9.39
C LEU B 73 10.74 -19.59 9.88
N ALA B 74 9.87 -20.51 9.45
CA ALA B 74 10.05 -21.92 9.76
C ALA B 74 11.46 -22.29 9.32
N GLN B 75 11.81 -21.88 8.10
CA GLN B 75 13.09 -22.28 7.51
C GLN B 75 14.24 -21.70 8.32
N VAL B 76 14.15 -20.45 8.73
CA VAL B 76 15.17 -19.87 9.58
C VAL B 76 15.31 -20.75 10.83
N ALA B 77 14.17 -21.10 11.44
CA ALA B 77 14.12 -21.88 12.67
C ALA B 77 14.78 -23.23 12.56
N LYS B 78 14.78 -23.82 11.35
CA LYS B 78 15.40 -25.11 11.08
C LYS B 78 16.85 -25.03 10.65
N GLY B 79 17.36 -23.81 10.57
CA GLY B 79 18.78 -23.62 10.34
C GLY B 79 19.08 -23.48 8.86
N GLU B 80 18.06 -23.11 8.08
CA GLU B 80 18.24 -23.03 6.63
C GLU B 80 17.84 -21.70 6.03
N ALA B 81 17.59 -20.72 6.90
CA ALA B 81 17.47 -19.36 6.41
C ALA B 81 18.03 -18.49 7.53
N PHE B 82 18.16 -17.21 7.25
CA PHE B 82 18.60 -16.21 8.22
C PHE B 82 17.68 -14.99 8.25
N LEU B 83 17.48 -14.46 9.46
CA LEU B 83 16.61 -13.33 9.70
C LEU B 83 17.30 -11.98 9.86
N LEU B 84 16.92 -11.04 8.98
CA LEU B 84 17.37 -9.66 9.11
C LEU B 84 16.23 -8.74 9.56
N GLN B 85 16.34 -8.17 10.75
CA GLN B 85 15.35 -7.18 11.23
C GLN B 85 15.98 -5.84 11.55
N GLY B 86 15.42 -4.80 10.92
CA GLY B 86 16.02 -3.47 10.99
C GLY B 86 15.20 -2.28 10.52
N GLY B 87 15.53 -1.10 11.03
CA GLY B 87 14.83 0.16 10.83
C GLY B 87 15.04 1.13 11.97
N ASP B 88 14.33 2.25 11.89
CA ASP B 88 14.31 3.24 12.95
C ASP B 88 14.06 2.61 14.31
N CYS B 89 14.68 3.20 15.32
CA CYS B 89 14.25 2.97 16.68
C CYS B 89 12.80 3.40 16.83
N ALA B 90 12.50 4.65 16.46
CA ALA B 90 11.16 5.21 16.52
C ALA B 90 10.95 5.88 15.15
N GLU B 91 9.95 5.42 14.40
CA GLU B 91 9.49 6.16 13.24
C GLU B 91 8.77 7.39 13.81
N THR B 92 8.88 8.57 13.21
CA THR B 92 8.08 9.74 13.57
C THR B 92 7.18 10.13 12.38
N PHE B 93 6.08 10.81 12.65
CA PHE B 93 5.20 11.28 11.58
C PHE B 93 5.97 12.25 10.71
N MET B 94 6.92 12.96 11.33
CA MET B 94 7.66 14.03 10.68
C MET B 94 8.57 13.51 9.56
N ASP B 95 9.18 12.35 9.76
CA ASP B 95 10.06 11.81 8.72
C ASP B 95 9.47 10.63 7.96
N ASN B 96 8.15 10.43 7.99
CA ASN B 96 7.49 9.39 7.22
C ASN B 96 7.30 9.88 5.80
N THR B 97 8.42 10.04 5.10
CA THR B 97 8.50 10.63 3.78
C THR B 97 9.17 9.64 2.82
N GLU B 98 8.90 9.82 1.54
CA GLU B 98 9.51 9.01 0.53
C GLU B 98 11.03 8.89 0.74
N PRO B 99 11.77 10.01 0.86
CA PRO B 99 13.23 9.89 0.96
C PRO B 99 13.66 9.05 2.15
N HIS B 100 12.98 9.25 3.29
CA HIS B 100 13.41 8.57 4.48
C HIS B 100 13.05 7.10 4.33
N ILE B 101 11.83 6.79 3.87
CA ILE B 101 11.39 5.41 3.70
C ILE B 101 12.28 4.65 2.72
N ARG B 102 12.52 5.24 1.56
CA ARG B 102 13.39 4.73 0.52
C ARG B 102 14.83 4.49 1.01
N GLY B 103 15.37 5.34 1.87
CA GLY B 103 16.71 5.13 2.41
C GLY B 103 16.76 3.90 3.30
N ASN B 104 15.78 3.87 4.20
CA ASN B 104 15.62 2.69 5.04
C ASN B 104 15.48 1.34 4.32
N VAL B 105 14.55 1.26 3.38
CA VAL B 105 14.46 0.12 2.47
C VAL B 105 15.76 -0.24 1.76
N ARG B 106 16.48 0.73 1.23
CA ARG B 106 17.75 0.51 0.53
C ARG B 106 18.81 -0.14 1.43
N ALA B 107 18.88 0.40 2.64
CA ALA B 107 19.87 0.04 3.63
C ALA B 107 19.57 -1.40 4.01
N LEU B 108 18.30 -1.76 4.03
CA LEU B 108 17.96 -3.12 4.38
C LEU B 108 18.26 -4.10 3.25
N LEU B 109 17.83 -3.76 2.03
CA LEU B 109 18.17 -4.59 0.88
C LEU B 109 19.67 -4.74 0.74
N GLN B 110 20.40 -3.66 1.04
CA GLN B 110 21.85 -3.66 0.86
C GLN B 110 22.51 -4.63 1.84
N MET B 111 22.13 -4.51 3.11
CA MET B 111 22.60 -5.42 4.15
C MET B 111 22.22 -6.85 3.79
N ALA B 112 20.99 -7.02 3.31
CA ALA B 112 20.48 -8.36 3.07
C ALA B 112 21.27 -9.09 1.98
N VAL B 113 21.75 -8.42 0.93
CA VAL B 113 22.48 -9.16 -0.10
C VAL B 113 23.80 -9.67 0.45
N VAL B 114 24.39 -8.89 1.36
CA VAL B 114 25.70 -9.14 1.90
C VAL B 114 25.52 -10.33 2.82
N LEU B 115 24.42 -10.31 3.57
CA LEU B 115 24.20 -11.32 4.60
C LEU B 115 23.81 -12.61 3.86
N THR B 116 23.16 -12.51 2.71
CA THR B 116 22.75 -13.69 1.97
C THR B 116 24.00 -14.43 1.51
N TYR B 117 24.93 -13.68 0.95
CA TYR B 117 26.21 -14.19 0.47
C TYR B 117 27.04 -14.80 1.62
N GLY B 118 27.16 -14.12 2.74
CA GLY B 118 27.88 -14.67 3.88
C GLY B 118 27.22 -15.90 4.46
N ALA B 119 25.90 -15.96 4.53
CA ALA B 119 25.20 -17.11 5.09
C ALA B 119 25.07 -18.31 4.13
N SER B 120 25.21 -18.08 2.84
CA SER B 120 24.96 -19.14 1.86
C SER B 120 23.52 -19.64 2.03
N MET B 121 22.58 -18.80 2.44
CA MET B 121 21.18 -19.23 2.56
C MET B 121 20.25 -18.03 2.48
N PRO B 122 18.93 -18.26 2.41
CA PRO B 122 18.02 -17.13 2.22
C PRO B 122 17.99 -16.24 3.44
N VAL B 123 17.82 -14.94 3.19
CA VAL B 123 17.63 -13.96 4.23
C VAL B 123 16.20 -13.43 4.15
N VAL B 124 15.46 -13.59 5.23
CA VAL B 124 14.14 -12.96 5.38
C VAL B 124 14.29 -11.55 5.94
N LYS B 125 13.62 -10.61 5.30
CA LYS B 125 13.77 -9.19 5.52
C LYS B 125 12.49 -8.60 6.11
N VAL B 126 12.66 -8.10 7.32
CA VAL B 126 11.61 -7.60 8.19
C VAL B 126 12.14 -6.25 8.64
N ALA B 127 11.46 -5.23 8.18
CA ALA B 127 11.68 -3.82 8.50
C ALA B 127 10.91 -3.48 9.78
N ARG B 128 11.50 -2.57 10.54
CA ARG B 128 10.81 -1.92 11.66
C ARG B 128 10.18 -0.71 10.99
N ILE B 129 8.89 -0.70 10.69
CA ILE B 129 8.40 0.30 9.75
C ILE B 129 6.92 0.09 9.76
N ALA B 130 6.18 1.15 9.43
CA ALA B 130 4.74 1.12 9.23
C ALA B 130 4.07 0.74 10.53
N GLY B 131 4.49 1.42 11.59
CA GLY B 131 3.84 1.28 12.89
C GLY B 131 4.69 1.30 14.15
N GLN B 132 6.00 1.54 14.04
CA GLN B 132 6.90 1.50 15.18
C GLN B 132 6.92 2.89 15.78
N TYR B 133 5.81 3.24 16.45
CA TYR B 133 5.44 4.59 16.77
C TYR B 133 5.13 4.69 18.25
N ALA B 134 5.54 3.70 19.04
CA ALA B 134 5.31 3.64 20.47
C ALA B 134 6.54 3.07 21.15
N LYS B 135 6.93 3.68 22.28
CA LYS B 135 7.92 3.07 23.15
C LYS B 135 7.66 3.07 24.66
N PRO B 136 8.12 2.02 25.34
CA PRO B 136 8.06 2.08 26.79
C PRO B 136 8.97 3.12 27.37
N ARG B 137 8.78 3.44 28.64
CA ARG B 137 9.73 4.32 29.32
C ARG B 137 9.82 3.88 30.76
N SER B 138 11.04 3.76 31.29
CA SER B 138 11.15 3.42 32.70
C SER B 138 10.75 4.57 33.63
N ALA B 139 10.75 5.83 33.19
CA ALA B 139 10.30 6.90 34.09
C ALA B 139 9.34 7.88 33.43
N ASP B 140 8.23 8.21 34.09
CA ASP B 140 7.23 9.07 33.46
C ASP B 140 7.61 10.54 33.38
N ILE B 141 8.66 10.91 34.10
CA ILE B 141 9.16 12.28 34.01
C ILE B 141 10.61 12.22 33.56
N ASP B 142 10.95 13.01 32.56
CA ASP B 142 12.25 12.96 31.91
C ASP B 142 13.18 13.99 32.52
N ALA B 143 14.40 14.08 31.98
CA ALA B 143 15.43 14.93 32.57
C ALA B 143 15.08 16.41 32.54
N LEU B 144 14.26 16.86 31.59
CA LEU B 144 13.72 18.21 31.61
C LEU B 144 12.54 18.51 32.55
N GLY B 145 12.01 17.52 33.25
CA GLY B 145 10.86 17.72 34.11
C GLY B 145 9.53 17.41 33.45
N LEU B 146 9.57 16.97 32.19
CA LEU B 146 8.38 16.82 31.35
C LEU B 146 7.90 15.38 31.37
N ARG B 147 6.59 15.18 31.23
CA ARG B 147 6.05 13.87 30.91
C ARG B 147 6.75 13.31 29.68
N SER B 148 7.19 12.06 29.78
CA SER B 148 8.13 11.47 28.85
C SER B 148 7.52 11.32 27.47
N TYR B 149 8.33 11.56 26.45
CA TYR B 149 8.01 11.20 25.08
C TYR B 149 7.82 9.70 24.97
N ARG B 150 6.66 9.27 24.49
CA ARG B 150 6.36 7.84 24.42
C ARG B 150 6.20 7.39 22.96
N GLY B 151 6.68 8.19 22.01
CA GLY B 151 6.49 7.86 20.59
C GLY B 151 5.20 8.46 20.06
N ASP B 152 5.18 8.67 18.76
CA ASP B 152 4.17 9.49 18.10
C ASP B 152 2.77 8.95 18.09
N MET B 153 2.60 7.68 18.41
CA MET B 153 1.29 7.11 18.66
C MET B 153 0.70 7.65 19.96
N ILE B 154 1.53 8.21 20.83
CA ILE B 154 1.02 8.55 22.14
C ILE B 154 1.08 10.06 22.40
N ASN B 155 2.22 10.69 22.15
CA ASN B 155 2.39 12.10 22.43
C ASN B 155 3.40 12.68 21.45
N GLY B 156 3.87 13.90 21.68
CA GLY B 156 4.78 14.54 20.74
C GLY B 156 6.15 14.69 21.36
N PHE B 157 7.15 14.63 20.50
CA PHE B 157 8.55 14.87 20.83
C PHE B 157 8.77 16.26 21.41
N ALA B 158 8.04 17.27 20.94
CA ALA B 158 8.29 18.64 21.39
C ALA B 158 8.40 18.76 22.91
N PRO B 159 9.48 19.41 23.37
CA PRO B 159 9.69 19.53 24.81
C PRO B 159 8.78 20.63 25.39
N ASP B 160 7.47 20.41 25.37
CA ASP B 160 6.57 21.24 26.15
C ASP B 160 5.42 20.39 26.67
N ALA B 161 4.81 20.83 27.75
CA ALA B 161 3.90 20.00 28.52
C ALA B 161 2.76 19.58 27.61
N ALA B 162 2.27 20.55 26.85
CA ALA B 162 1.04 20.36 26.10
C ALA B 162 1.31 19.38 24.97
N ALA B 163 2.46 19.45 24.32
CA ALA B 163 2.73 18.42 23.32
C ALA B 163 2.80 17.05 24.02
N ARG B 164 3.08 16.98 25.32
CA ARG B 164 3.32 15.71 26.03
C ARG B 164 2.09 14.99 26.59
N GLU B 165 0.94 15.64 26.46
CA GLU B 165 -0.31 15.04 26.87
C GLU B 165 -0.46 13.82 25.97
N HIS B 166 -1.01 12.74 26.51
CA HIS B 166 -1.39 11.58 25.71
C HIS B 166 -2.66 11.86 24.92
N ASP B 167 -2.59 11.63 23.60
CA ASP B 167 -3.63 12.04 22.69
C ASP B 167 -4.13 10.89 21.83
N PRO B 168 -5.30 10.35 22.15
CA PRO B 168 -5.79 9.20 21.38
C PRO B 168 -6.03 9.41 19.90
N SER B 169 -6.17 10.67 19.49
CA SER B 169 -6.25 10.99 18.07
C SER B 169 -5.02 10.46 17.31
N ARG B 170 -3.91 10.23 18.03
CA ARG B 170 -2.69 9.63 17.52
C ARG B 170 -2.81 8.19 17.04
N LEU B 171 -3.79 7.45 17.54
CA LEU B 171 -4.07 6.09 17.10
C LEU B 171 -4.47 6.10 15.63
N VAL B 172 -5.20 7.10 15.17
CA VAL B 172 -5.62 7.15 13.80
C VAL B 172 -4.56 7.78 12.91
N ARG B 173 -3.87 8.79 13.42
CA ARG B 173 -2.70 9.26 12.69
C ARG B 173 -1.60 8.21 12.55
N ALA B 174 -1.43 7.36 13.55
CA ALA B 174 -0.40 6.32 13.48
C ALA B 174 -0.76 5.32 12.39
N TYR B 175 -2.04 4.97 12.26
CA TYR B 175 -2.54 4.09 11.19
C TYR B 175 -2.38 4.78 9.84
N ALA B 176 -2.87 6.00 9.66
CA ALA B 176 -2.74 6.69 8.39
C ALA B 176 -1.28 6.61 7.93
N ASN B 177 -0.39 7.00 8.84
CA ASN B 177 1.01 7.01 8.48
C ASN B 177 1.52 5.60 8.16
N ALA B 178 1.01 4.61 8.89
CA ALA B 178 1.48 3.24 8.76
C ALA B 178 1.05 2.67 7.38
N SER B 179 -0.21 2.91 7.03
CA SER B 179 -0.75 2.62 5.71
C SER B 179 0.00 3.23 4.56
N ALA B 180 0.25 4.51 4.78
CA ALA B 180 0.89 5.28 3.73
C ALA B 180 2.28 4.72 3.50
N ALA B 181 2.98 4.41 4.58
CA ALA B 181 4.37 3.93 4.39
C ALA B 181 4.38 2.53 3.78
N MET B 182 3.45 1.66 4.19
CA MET B 182 3.43 0.27 3.74
C MET B 182 3.11 0.30 2.25
N ASN B 183 2.27 1.25 1.85
CA ASN B 183 1.90 1.30 0.46
C ASN B 183 3.16 1.57 -0.34
N LEU B 184 3.99 2.49 0.16
CA LEU B 184 5.23 2.84 -0.51
C LEU B 184 6.20 1.68 -0.43
N VAL B 185 6.43 1.03 0.71
CA VAL B 185 7.39 -0.07 0.67
C VAL B 185 7.03 -1.20 -0.30
N ARG B 186 5.74 -1.50 -0.44
CA ARG B 186 5.25 -2.46 -1.44
C ARG B 186 5.54 -1.89 -2.81
N ALA B 187 5.32 -0.61 -3.07
CA ALA B 187 5.68 -0.09 -4.39
C ALA B 187 7.18 -0.26 -4.64
N LEU B 188 8.01 -0.06 -3.63
CA LEU B 188 9.46 -0.03 -3.84
C LEU B 188 10.02 -1.42 -4.08
N THR B 189 9.47 -2.41 -3.39
CA THR B 189 10.07 -3.73 -3.39
C THR B 189 9.65 -4.41 -4.71
N SER B 190 8.67 -3.91 -5.47
CA SER B 190 8.48 -4.48 -6.79
C SER B 190 8.88 -3.52 -7.89
N SER B 191 9.87 -2.67 -7.62
CA SER B 191 10.59 -1.83 -8.59
C SER B 191 12.06 -2.21 -8.66
N GLY B 192 12.78 -1.44 -9.47
CA GLY B 192 14.19 -1.66 -9.81
C GLY B 192 15.09 -1.47 -8.61
N LEU B 193 14.54 -0.82 -7.59
CA LEU B 193 15.26 -0.68 -6.33
C LEU B 193 15.53 -2.06 -5.75
N ALA B 194 14.65 -3.03 -5.98
CA ALA B 194 14.85 -4.37 -5.43
C ALA B 194 15.78 -5.28 -6.22
N SER B 195 16.04 -5.01 -7.49
CA SER B 195 16.96 -5.82 -8.28
C SER B 195 18.33 -5.92 -7.62
N LEU B 196 18.77 -7.16 -7.42
CA LEU B 196 19.93 -7.46 -6.58
C LEU B 196 21.17 -6.80 -7.12
N HIS B 197 21.14 -6.52 -8.42
CA HIS B 197 22.37 -6.09 -9.10
C HIS B 197 22.58 -4.61 -8.82
N LEU B 198 21.55 -3.79 -8.99
CA LEU B 198 21.66 -2.37 -8.63
C LEU B 198 22.05 -2.31 -7.15
N VAL B 199 21.23 -2.99 -6.36
CA VAL B 199 21.32 -3.00 -4.91
C VAL B 199 22.76 -3.23 -4.46
N HIS B 200 23.58 -3.98 -5.19
CA HIS B 200 24.96 -4.19 -4.73
C HIS B 200 25.98 -3.21 -5.30
N ASP B 201 25.75 -2.51 -6.41
CA ASP B 201 26.57 -1.33 -6.73
C ASP B 201 26.50 -0.17 -5.71
N TRP B 202 25.42 -0.05 -4.97
CA TRP B 202 25.46 0.84 -3.81
C TRP B 202 26.54 0.39 -2.83
N ASN B 203 26.59 -0.90 -2.49
CA ASN B 203 27.66 -1.41 -1.62
C ASN B 203 29.08 -1.14 -2.13
N ARG B 204 29.24 -0.99 -3.45
CA ARG B 204 30.54 -0.66 -4.04
C ARG B 204 30.92 0.82 -3.99
N GLU B 205 29.96 1.73 -4.15
CA GLU B 205 30.18 3.13 -3.78
C GLU B 205 30.63 3.18 -2.33
N PHE B 206 29.96 2.40 -1.48
CA PHE B 206 30.28 2.35 -0.07
C PHE B 206 31.73 1.95 0.18
N VAL B 207 32.21 0.88 -0.45
CA VAL B 207 33.60 0.45 -0.32
C VAL B 207 34.66 1.46 -0.77
N ARG B 208 34.32 2.29 -1.76
CA ARG B 208 35.28 3.23 -2.30
C ARG B 208 35.30 4.53 -1.50
N THR B 209 34.13 5.00 -1.07
CA THR B 209 34.05 6.21 -0.24
C THR B 209 33.78 5.80 1.21
N SER B 210 34.84 5.41 1.91
CA SER B 210 34.78 4.84 3.25
C SER B 210 36.19 4.68 3.80
N PRO B 211 36.41 5.14 5.05
CA PRO B 211 37.78 5.03 5.54
C PRO B 211 38.26 3.59 5.71
N ALA B 212 37.35 2.66 5.96
CA ALA B 212 37.73 1.25 6.11
C ALA B 212 37.62 0.44 4.80
N GLY B 213 37.36 1.13 3.70
CA GLY B 213 37.15 0.50 2.40
C GLY B 213 38.10 -0.63 2.04
N ALA B 214 39.39 -0.43 2.23
CA ALA B 214 40.35 -1.51 1.96
C ALA B 214 40.02 -2.78 2.74
N ARG B 215 39.16 -2.71 3.75
CA ARG B 215 38.91 -3.85 4.63
C ARG B 215 37.83 -4.74 4.03
N TYR B 216 36.88 -4.10 3.36
CA TYR B 216 35.65 -4.77 2.97
C TYR B 216 35.61 -5.07 1.46
N GLU B 217 36.73 -4.82 0.81
CA GLU B 217 36.82 -4.78 -0.64
C GLU B 217 36.77 -6.19 -1.24
N ALA B 218 37.66 -7.04 -0.75
CA ALA B 218 37.72 -8.42 -1.19
C ALA B 218 36.32 -9.06 -1.11
N LEU B 219 35.66 -8.88 0.01
CA LEU B 219 34.33 -9.46 0.16
C LEU B 219 33.33 -8.76 -0.75
N ALA B 220 33.39 -7.44 -0.92
CA ALA B 220 32.54 -6.79 -1.91
C ALA B 220 32.86 -7.31 -3.33
N THR B 221 34.13 -7.54 -3.64
CA THR B 221 34.41 -8.03 -4.99
C THR B 221 33.86 -9.44 -5.20
N GLU B 222 33.96 -10.25 -4.17
CA GLU B 222 33.43 -11.61 -4.20
C GLU B 222 31.92 -11.66 -4.40
N ILE B 223 31.23 -10.75 -3.73
CA ILE B 223 29.78 -10.70 -3.83
C ILE B 223 29.42 -10.34 -5.26
N ASP B 224 30.19 -9.43 -5.84
CA ASP B 224 29.91 -8.93 -7.18
C ASP B 224 30.13 -10.03 -8.23
N ARG B 225 31.22 -10.76 -8.06
CA ARG B 225 31.49 -11.91 -8.91
C ARG B 225 30.41 -12.98 -8.65
N GLY B 226 29.77 -12.97 -7.48
CA GLY B 226 28.65 -13.86 -7.25
C GLY B 226 27.48 -13.57 -8.15
N LEU B 227 27.17 -12.27 -8.18
CA LEU B 227 26.02 -11.72 -8.86
C LEU B 227 26.22 -11.86 -10.37
N ARG B 228 27.45 -11.65 -10.83
CA ARG B 228 27.63 -11.78 -12.25
C ARG B 228 27.65 -13.26 -12.65
N PHE B 229 28.05 -14.15 -11.76
CA PHE B 229 28.08 -15.57 -12.07
C PHE B 229 26.63 -15.98 -12.27
N MET B 230 25.81 -15.52 -11.32
CA MET B 230 24.38 -15.79 -11.36
C MET B 230 23.79 -15.40 -12.70
N SER B 231 24.15 -14.21 -13.17
CA SER B 231 23.56 -13.68 -14.39
C SER B 231 24.12 -14.38 -15.60
N ALA B 232 25.37 -14.83 -15.51
CA ALA B 232 26.02 -15.49 -16.64
C ALA B 232 25.45 -16.90 -16.86
N CYS B 233 24.91 -17.50 -15.81
CA CYS B 233 24.29 -18.81 -15.92
C CYS B 233 22.87 -18.74 -16.49
N GLY B 234 22.50 -17.61 -17.10
CA GLY B 234 21.13 -17.27 -17.47
C GLY B 234 20.10 -16.74 -16.47
N VAL B 235 20.44 -16.55 -15.20
CA VAL B 235 19.48 -15.94 -14.28
C VAL B 235 19.24 -14.42 -14.43
N ALA B 236 18.06 -14.05 -14.91
CA ALA B 236 17.68 -12.65 -15.11
C ALA B 236 16.73 -12.19 -14.00
N ASP B 237 16.72 -10.89 -13.71
CA ASP B 237 15.85 -10.25 -12.73
C ASP B 237 14.49 -10.91 -12.48
N ARG B 238 13.80 -11.17 -13.60
CA ARG B 238 12.43 -11.69 -13.63
C ARG B 238 12.34 -13.22 -13.48
N ASN B 239 13.47 -13.84 -13.17
CA ASN B 239 13.55 -15.28 -12.94
C ASN B 239 13.71 -15.54 -11.45
N LEU B 240 13.49 -14.50 -10.64
CA LEU B 240 13.94 -14.51 -9.25
C LEU B 240 12.81 -14.55 -8.21
N GLN B 241 11.70 -13.87 -8.45
CA GLN B 241 10.73 -13.55 -7.40
C GLN B 241 11.12 -12.19 -6.86
N THR B 242 10.18 -11.24 -6.75
CA THR B 242 10.60 -9.89 -6.39
C THR B 242 10.69 -9.80 -4.88
N ALA B 243 11.28 -8.70 -4.41
CA ALA B 243 11.71 -8.63 -3.02
C ALA B 243 10.48 -8.57 -2.11
N GLU B 244 10.60 -9.14 -0.92
CA GLU B 244 9.54 -9.13 0.07
C GLU B 244 10.19 -8.49 1.28
N ILE B 245 9.72 -7.32 1.70
CA ILE B 245 10.08 -6.75 3.01
C ILE B 245 8.82 -6.73 3.87
N TYR B 246 8.89 -7.39 5.02
CA TYR B 246 7.80 -7.51 5.97
C TYR B 246 7.88 -6.34 6.98
N ALA B 247 6.72 -5.98 7.49
CA ALA B 247 6.58 -4.93 8.49
C ALA B 247 6.51 -5.56 9.87
N SER B 248 7.18 -4.86 10.78
CA SER B 248 7.16 -5.24 12.19
C SER B 248 7.28 -3.99 13.07
N HIS B 249 6.75 -4.07 14.29
CA HIS B 249 6.99 -3.05 15.29
C HIS B 249 6.83 -3.69 16.67
N GLU B 250 7.18 -3.00 17.76
CA GLU B 250 6.78 -3.51 19.06
C GLU B 250 5.28 -3.40 19.20
N ALA B 251 4.64 -4.49 19.59
CA ALA B 251 3.24 -4.55 19.94
C ALA B 251 3.13 -4.00 21.37
N LEU B 252 2.89 -2.69 21.50
CA LEU B 252 2.93 -2.00 22.79
C LEU B 252 1.57 -1.45 23.25
N VAL B 253 0.91 -0.73 22.36
CA VAL B 253 -0.32 0.00 22.66
C VAL B 253 -1.50 -0.89 22.29
N LEU B 254 -2.10 -1.47 23.33
CA LEU B 254 -3.10 -2.51 23.13
C LEU B 254 -4.36 -1.93 22.49
N ASP B 255 -4.60 -0.63 22.60
CA ASP B 255 -5.67 0.03 21.90
C ASP B 255 -5.53 -0.03 20.39
N TYR B 256 -4.31 0.14 19.91
CA TYR B 256 -3.97 0.02 18.51
C TYR B 256 -4.03 -1.41 17.94
N GLU B 257 -3.30 -2.37 18.50
CA GLU B 257 -3.29 -3.77 18.10
C GLU B 257 -4.69 -4.44 18.13
N ARG B 258 -5.51 -4.11 19.10
CA ARG B 258 -6.85 -4.70 19.16
C ARG B 258 -7.85 -4.16 18.15
N ALA B 259 -7.83 -2.86 17.88
CA ALA B 259 -8.57 -2.26 16.80
C ALA B 259 -8.07 -2.77 15.44
N MET B 260 -6.83 -3.24 15.34
CA MET B 260 -6.33 -3.72 14.06
C MET B 260 -6.46 -5.24 13.95
N LEU B 261 -7.07 -5.91 14.91
CA LEU B 261 -7.35 -7.33 14.74
C LEU B 261 -8.38 -7.53 13.65
N ARG B 262 -8.21 -8.60 12.86
CA ARG B 262 -9.18 -9.11 11.91
C ARG B 262 -9.22 -10.66 11.92
N LEU B 263 -10.35 -11.18 11.47
CA LEU B 263 -10.63 -12.60 11.46
C LEU B 263 -10.45 -13.16 10.05
N SER B 264 -9.67 -14.23 9.89
CA SER B 264 -9.36 -14.84 8.61
C SER B 264 -10.51 -15.67 8.05
N ASP B 265 -10.50 -15.96 6.76
CA ASP B 265 -11.61 -16.64 6.09
C ASP B 265 -11.70 -18.16 6.33
N GLY B 266 -12.43 -18.86 5.47
CA GLY B 266 -12.43 -20.33 5.45
C GLY B 266 -11.26 -21.03 4.76
N ASP B 267 -10.75 -20.43 3.68
CA ASP B 267 -9.75 -21.06 2.82
C ASP B 267 -8.38 -21.41 3.42
N ASP B 268 -8.25 -21.46 4.75
CA ASP B 268 -7.06 -22.01 5.41
C ASP B 268 -7.30 -22.55 6.83
N GLY B 269 -8.45 -23.19 7.05
CA GLY B 269 -8.74 -23.97 8.26
C GLY B 269 -9.89 -23.44 9.10
N GLU B 270 -9.69 -23.43 10.42
CA GLU B 270 -10.57 -22.69 11.31
C GLU B 270 -10.22 -21.19 11.33
N PRO B 271 -11.23 -20.33 11.42
CA PRO B 271 -10.86 -18.92 11.51
C PRO B 271 -10.02 -18.55 12.73
N GLN B 272 -9.16 -17.55 12.54
CA GLN B 272 -8.19 -17.12 13.53
C GLN B 272 -8.08 -15.60 13.47
N LEU B 273 -7.81 -15.01 14.62
CA LEU B 273 -7.49 -13.59 14.70
C LEU B 273 -6.05 -13.33 14.32
N PHE B 274 -5.89 -12.45 13.33
CA PHE B 274 -4.63 -11.87 12.89
C PHE B 274 -4.55 -10.40 13.26
N ASP B 275 -3.34 -10.03 13.71
CA ASP B 275 -3.05 -8.63 13.91
C ASP B 275 -2.59 -8.05 12.57
N LEU B 276 -3.44 -7.26 11.92
CA LEU B 276 -3.23 -6.75 10.59
C LEU B 276 -2.64 -5.32 10.56
N SER B 277 -1.99 -4.94 11.66
CA SER B 277 -1.21 -3.73 11.74
C SER B 277 0.24 -3.93 11.27
N ALA B 278 0.58 -5.20 11.02
CA ALA B 278 1.97 -5.62 10.78
C ALA B 278 2.01 -7.09 10.34
N HIS B 279 3.19 -7.54 9.94
CA HIS B 279 3.39 -8.95 9.62
C HIS B 279 3.73 -9.77 10.85
N THR B 280 4.61 -9.24 11.68
CA THR B 280 5.11 -9.88 12.90
C THR B 280 5.32 -8.71 13.86
N VAL B 281 5.12 -8.99 15.14
CA VAL B 281 5.27 -7.99 16.20
C VAL B 281 6.05 -8.64 17.31
N TRP B 282 6.74 -7.83 18.12
CA TRP B 282 7.42 -8.41 19.28
C TRP B 282 6.98 -7.72 20.57
N ILE B 283 7.36 -8.32 21.70
CA ILE B 283 7.04 -7.88 23.05
C ILE B 283 8.32 -7.55 23.79
N GLY B 284 8.41 -6.33 24.32
CA GLY B 284 9.63 -5.79 24.92
C GLY B 284 9.94 -6.22 26.32
N GLU B 285 11.13 -5.89 26.74
CA GLU B 285 11.58 -6.32 28.06
C GLU B 285 10.64 -5.77 29.15
N ARG B 286 9.95 -4.66 28.91
CA ARG B 286 9.16 -4.08 30.00
C ARG B 286 7.72 -4.54 30.00
N THR B 287 7.24 -5.12 28.90
CA THR B 287 5.84 -5.49 28.83
C THR B 287 5.57 -6.99 28.76
N ARG B 288 6.59 -7.79 29.04
CA ARG B 288 6.62 -9.23 28.82
C ARG B 288 6.30 -10.02 30.08
N GLN B 289 5.69 -9.38 31.06
CA GLN B 289 5.04 -10.06 32.19
C GLN B 289 4.25 -11.29 31.80
N ILE B 290 4.62 -12.41 32.42
CA ILE B 290 4.23 -13.73 31.96
C ILE B 290 2.72 -13.88 32.03
N ASP B 291 2.10 -13.23 33.02
CA ASP B 291 0.66 -13.26 33.15
C ASP B 291 -0.03 -11.97 32.75
N GLY B 292 0.65 -11.12 31.98
CA GLY B 292 0.15 -9.83 31.55
C GLY B 292 -0.55 -9.91 30.22
N ALA B 293 -1.13 -8.78 29.81
CA ALA B 293 -1.91 -8.72 28.59
C ALA B 293 -1.09 -8.87 27.30
N HIS B 294 0.17 -8.44 27.31
CA HIS B 294 0.93 -8.49 26.08
C HIS B 294 1.18 -9.93 25.67
N ILE B 295 1.70 -10.72 26.61
CA ILE B 295 1.83 -12.15 26.43
C ILE B 295 0.51 -12.84 26.13
N ALA B 296 -0.56 -12.47 26.82
CA ALA B 296 -1.89 -13.05 26.66
C ALA B 296 -2.41 -12.75 25.26
N PHE B 297 -2.09 -11.57 24.73
CA PHE B 297 -2.56 -11.10 23.44
C PHE B 297 -1.77 -11.77 22.31
N ALA B 298 -0.46 -11.80 22.47
CA ALA B 298 0.38 -12.66 21.62
C ALA B 298 -0.20 -14.05 21.50
N GLN B 299 -0.78 -14.66 22.52
CA GLN B 299 -1.25 -16.04 22.35
C GLN B 299 -2.56 -16.21 21.58
N VAL B 300 -3.27 -15.11 21.37
CA VAL B 300 -4.52 -15.12 20.65
C VAL B 300 -4.28 -14.79 19.18
N ILE B 301 -3.18 -14.17 18.80
CA ILE B 301 -3.06 -13.77 17.40
C ILE B 301 -2.33 -14.88 16.65
N ALA B 302 -2.50 -14.94 15.34
CA ALA B 302 -1.86 -15.98 14.54
C ALA B 302 -0.49 -15.55 14.05
N ASN B 303 -0.15 -14.27 14.10
CA ASN B 303 1.12 -13.84 13.55
C ASN B 303 2.32 -14.49 14.28
N PRO B 304 3.44 -14.65 13.55
CA PRO B 304 4.72 -14.86 14.18
C PRO B 304 4.95 -13.71 15.15
N VAL B 305 5.46 -14.06 16.32
CA VAL B 305 5.82 -13.10 17.36
C VAL B 305 7.25 -13.34 17.83
N GLY B 306 7.79 -12.30 18.45
CA GLY B 306 9.09 -12.29 19.10
C GLY B 306 8.93 -11.84 20.53
N VAL B 307 9.92 -12.15 21.38
CA VAL B 307 10.02 -11.72 22.75
C VAL B 307 11.47 -11.39 23.09
N LYS B 308 11.63 -10.20 23.68
CA LYS B 308 12.97 -9.74 24.00
C LYS B 308 13.40 -10.35 25.32
N LEU B 309 14.67 -10.74 25.41
CA LEU B 309 15.19 -11.38 26.61
C LEU B 309 16.50 -10.73 27.02
N GLY B 310 16.53 -10.13 28.20
CA GLY B 310 17.67 -9.35 28.59
C GLY B 310 18.32 -10.20 29.66
N PRO B 311 19.28 -9.60 30.39
CA PRO B 311 20.27 -10.26 31.25
C PRO B 311 19.75 -10.89 32.53
N ASN B 312 18.60 -10.44 33.05
N ASN B 312 18.58 -10.44 32.98
CA ASN B 312 17.96 -11.14 34.15
CA ASN B 312 17.85 -11.06 34.09
C ASN B 312 17.05 -12.29 33.67
C ASN B 312 17.11 -12.33 33.68
N MET B 313 17.13 -12.69 32.40
CA MET B 313 16.39 -13.88 31.95
C MET B 313 16.89 -15.21 32.52
N THR B 314 16.01 -16.13 32.89
CA THR B 314 16.38 -17.49 33.32
C THR B 314 16.10 -18.49 32.21
N PRO B 315 16.87 -19.60 32.18
CA PRO B 315 16.44 -20.68 31.30
C PRO B 315 15.01 -21.17 31.52
N GLU B 316 14.50 -21.11 32.75
CA GLU B 316 13.16 -21.57 33.13
C GLU B 316 12.03 -20.70 32.65
N LEU B 317 12.17 -19.40 32.82
CA LEU B 317 11.21 -18.48 32.23
C LEU B 317 11.27 -18.53 30.70
N ALA B 318 12.43 -18.73 30.08
CA ALA B 318 12.48 -18.84 28.62
C ALA B 318 11.65 -20.02 28.13
N VAL B 319 11.86 -21.20 28.70
CA VAL B 319 11.00 -22.34 28.46
C VAL B 319 9.52 -22.02 28.65
N GLU B 320 9.15 -21.37 29.75
CA GLU B 320 7.75 -20.95 29.93
C GLU B 320 7.22 -20.06 28.81
N TYR B 321 8.04 -19.15 28.28
CA TYR B 321 7.58 -18.32 27.17
C TYR B 321 7.41 -19.18 25.92
N VAL B 322 8.29 -20.16 25.70
CA VAL B 322 8.12 -21.04 24.55
C VAL B 322 6.87 -21.91 24.67
N GLU B 323 6.55 -22.45 25.83
CA GLU B 323 5.36 -23.31 25.90
C GLU B 323 4.07 -22.52 25.88
N ARG B 324 4.15 -21.23 26.21
CA ARG B 324 2.95 -20.40 26.16
C ARG B 324 2.64 -19.82 24.79
N LEU B 325 3.69 -19.39 24.10
CA LEU B 325 3.57 -18.74 22.80
C LEU B 325 3.74 -19.63 21.57
N ASP B 326 4.27 -20.84 21.75
CA ASP B 326 4.42 -21.79 20.63
C ASP B 326 3.84 -23.09 21.11
N PRO B 327 2.58 -23.05 21.56
CA PRO B 327 2.09 -24.25 22.19
C PRO B 327 1.95 -25.41 21.22
N HIS B 328 1.76 -25.13 19.93
CA HIS B 328 1.61 -26.19 18.93
C HIS B 328 2.94 -26.71 18.36
N ASN B 329 4.08 -26.26 18.87
CA ASN B 329 5.35 -26.68 18.27
C ASN B 329 5.31 -26.40 16.75
N LYS B 330 5.24 -25.12 16.38
CA LYS B 330 5.26 -24.71 14.98
C LYS B 330 6.53 -23.89 14.70
N PRO B 331 7.45 -24.46 13.91
CA PRO B 331 8.74 -23.75 13.92
C PRO B 331 8.62 -22.34 13.32
N GLY B 332 9.29 -21.36 13.90
CA GLY B 332 9.19 -19.99 13.38
C GLY B 332 8.01 -19.18 13.89
N ARG B 333 7.12 -19.81 14.63
CA ARG B 333 6.06 -19.06 15.28
C ARG B 333 6.71 -18.07 16.24
N LEU B 334 7.75 -18.50 16.96
CA LEU B 334 8.36 -17.76 18.06
C LEU B 334 9.81 -17.43 17.81
N THR B 335 10.16 -16.16 17.85
CA THR B 335 11.58 -15.83 17.98
C THR B 335 11.92 -15.31 19.38
N LEU B 336 13.04 -15.80 19.89
CA LEU B 336 13.64 -15.31 21.13
C LEU B 336 14.78 -14.36 20.83
N VAL B 337 14.65 -13.14 21.32
CA VAL B 337 15.55 -12.06 20.92
C VAL B 337 16.47 -11.72 22.07
N SER B 338 17.74 -12.09 21.93
CA SER B 338 18.69 -11.97 23.04
C SER B 338 19.35 -10.59 23.00
N ARG B 339 19.43 -9.92 24.14
CA ARG B 339 20.00 -8.59 24.16
C ARG B 339 20.58 -8.47 25.55
N MET B 340 21.84 -8.87 25.66
CA MET B 340 22.46 -9.09 26.95
C MET B 340 23.54 -8.11 27.37
N GLY B 341 24.09 -7.36 26.42
CA GLY B 341 25.41 -6.76 26.54
C GLY B 341 26.54 -7.64 26.02
N ASN B 342 27.55 -7.00 25.46
CA ASN B 342 28.62 -7.80 24.88
C ASN B 342 29.45 -8.42 25.97
N HIS B 343 29.38 -7.87 27.17
CA HIS B 343 30.24 -8.36 28.25
C HIS B 343 29.55 -9.52 28.97
N LYS B 344 28.30 -9.79 28.62
CA LYS B 344 27.52 -10.86 29.25
C LYS B 344 26.94 -11.94 28.33
N VAL B 345 26.94 -11.74 27.02
CA VAL B 345 26.18 -12.67 26.18
C VAL B 345 26.93 -14.00 26.23
N ARG B 346 28.26 -13.95 26.29
CA ARG B 346 29.00 -15.21 26.23
C ARG B 346 28.61 -16.15 27.38
N ASP B 347 28.44 -15.62 28.59
CA ASP B 347 28.05 -16.45 29.74
C ASP B 347 26.56 -16.67 29.99
N LEU B 348 25.67 -15.73 29.66
CA LEU B 348 24.28 -15.86 30.08
C LEU B 348 23.42 -16.56 29.03
N LEU B 349 23.81 -16.45 27.77
CA LEU B 349 22.99 -17.10 26.76
C LEU B 349 23.07 -18.64 26.76
N PRO B 350 24.27 -19.23 26.84
CA PRO B 350 24.26 -20.68 26.63
C PRO B 350 23.27 -21.44 27.49
N PRO B 351 23.12 -21.12 28.80
CA PRO B 351 22.17 -21.99 29.47
C PRO B 351 20.70 -21.78 29.10
N ILE B 352 20.37 -20.62 28.53
CA ILE B 352 19.00 -20.31 28.14
C ILE B 352 18.78 -21.18 26.91
N VAL B 353 19.81 -21.35 26.09
CA VAL B 353 19.73 -22.02 24.79
C VAL B 353 19.71 -23.54 24.97
N GLU B 354 20.61 -24.10 25.76
CA GLU B 354 20.50 -25.51 26.12
C GLU B 354 19.10 -25.85 26.58
N LYS B 355 18.56 -25.17 27.59
CA LYS B 355 17.23 -25.55 28.10
C LYS B 355 16.12 -25.42 27.07
N VAL B 356 16.08 -24.33 26.32
CA VAL B 356 15.15 -24.24 25.19
C VAL B 356 15.34 -25.37 24.17
N GLN B 357 16.57 -25.71 23.81
CA GLN B 357 16.77 -26.73 22.78
C GLN B 357 16.26 -28.08 23.26
N ALA B 358 16.34 -28.32 24.56
CA ALA B 358 15.87 -29.56 25.19
C ALA B 358 14.36 -29.75 25.12
N THR B 359 13.60 -28.68 24.95
CA THR B 359 12.14 -28.86 24.91
C THR B 359 11.65 -29.56 23.65
N GLY B 360 12.45 -29.52 22.60
CA GLY B 360 12.01 -30.04 21.30
C GLY B 360 11.32 -28.98 20.46
N HIS B 361 11.06 -27.78 20.98
CA HIS B 361 10.58 -26.73 20.10
C HIS B 361 11.71 -26.08 19.32
N GLN B 362 11.36 -25.46 18.21
CA GLN B 362 12.33 -24.82 17.33
C GLN B 362 12.02 -23.34 17.26
N VAL B 363 12.70 -22.54 18.08
CA VAL B 363 12.57 -21.09 18.10
C VAL B 363 13.64 -20.63 17.12
N ILE B 364 13.49 -19.41 16.62
CA ILE B 364 14.54 -18.69 15.92
C ILE B 364 15.30 -17.99 17.06
N TRP B 365 16.62 -18.16 17.09
CA TRP B 365 17.44 -17.35 18.00
C TRP B 365 17.97 -16.12 17.28
N GLN B 366 17.61 -14.92 17.73
CA GLN B 366 18.02 -13.69 17.06
C GLN B 366 18.77 -12.77 18.01
N CYS B 367 19.75 -12.04 17.49
CA CYS B 367 20.60 -11.23 18.36
C CYS B 367 20.21 -9.76 18.23
N ASP B 368 19.89 -9.12 19.34
CA ASP B 368 19.69 -7.69 19.35
C ASP B 368 20.88 -7.13 20.09
N PRO B 369 21.82 -6.58 19.34
CA PRO B 369 23.03 -6.21 20.06
C PRO B 369 22.98 -4.74 20.39
N MET B 370 21.83 -4.10 20.27
CA MET B 370 21.76 -2.65 20.39
C MET B 370 21.47 -2.32 21.83
N HIS B 371 20.49 -3.02 22.39
CA HIS B 371 19.80 -2.50 23.57
C HIS B 371 20.47 -2.82 24.89
N GLY B 372 21.45 -3.72 24.86
CA GLY B 372 22.24 -3.97 26.04
C GLY B 372 23.53 -3.17 26.04
N ASN B 373 23.82 -2.42 24.99
CA ASN B 373 25.11 -1.73 24.87
C ASN B 373 25.02 -0.22 24.75
N THR B 374 24.13 0.40 25.53
CA THR B 374 23.89 1.83 25.42
C THR B 374 24.54 2.56 26.59
N HIS B 375 25.23 3.67 26.35
CA HIS B 375 25.80 4.49 27.41
C HIS B 375 25.50 5.97 27.16
N GLU B 376 25.73 6.79 28.16
CA GLU B 376 25.60 8.24 27.97
C GLU B 376 26.98 8.83 27.75
N SER B 377 27.14 9.58 26.66
CA SER B 377 28.38 10.30 26.38
C SER B 377 28.63 11.43 27.37
N SER B 378 29.87 11.91 27.36
CA SER B 378 30.32 13.02 28.20
C SER B 378 29.83 14.38 27.71
N THR B 379 29.32 14.41 26.48
CA THR B 379 28.87 15.63 25.81
C THR B 379 27.37 15.92 25.99
N GLY B 380 26.56 14.89 26.17
CA GLY B 380 25.13 15.07 26.41
C GLY B 380 24.17 14.04 25.83
N PHE B 381 24.60 13.31 24.79
CA PHE B 381 23.71 12.45 24.02
C PHE B 381 23.91 10.98 24.43
N LYS B 382 22.84 10.19 24.46
CA LYS B 382 23.00 8.78 24.76
C LYS B 382 23.35 7.96 23.51
N THR B 383 24.30 7.05 23.66
CA THR B 383 24.96 6.47 22.51
C THR B 383 25.39 5.03 22.76
N ARG B 384 25.92 4.41 21.72
CA ARG B 384 26.35 3.02 21.73
C ARG B 384 27.68 2.99 20.98
N HIS B 385 28.66 2.25 21.48
CA HIS B 385 29.86 2.11 20.68
C HIS B 385 29.66 0.94 19.71
N PHE B 386 30.05 1.20 18.46
CA PHE B 386 29.99 0.25 17.35
C PHE B 386 30.74 -1.04 17.67
N ASP B 387 31.88 -0.92 18.35
CA ASP B 387 32.64 -2.10 18.73
C ASP B 387 31.92 -3.01 19.72
N ARG B 388 31.04 -2.45 20.53
CA ARG B 388 30.35 -3.27 21.53
C ARG B 388 29.23 -4.04 20.86
N ILE B 389 28.60 -3.39 19.89
CA ILE B 389 27.52 -4.01 19.17
C ILE B 389 28.04 -5.23 18.38
N VAL B 390 29.11 -5.00 17.64
CA VAL B 390 29.84 -6.04 16.89
C VAL B 390 30.21 -7.21 17.79
N ASP B 391 30.78 -6.86 18.92
CA ASP B 391 31.20 -7.91 19.85
C ASP B 391 30.07 -8.75 20.43
N GLU B 392 28.93 -8.12 20.63
CA GLU B 392 27.81 -8.89 21.15
C GLU B 392 27.47 -9.89 20.08
N VAL B 393 27.51 -9.48 18.81
CA VAL B 393 27.02 -10.37 17.79
C VAL B 393 28.06 -11.48 17.69
N GLN B 394 29.33 -11.12 17.89
CA GLN B 394 30.43 -12.07 17.77
C GLN B 394 30.19 -13.16 18.82
N GLY B 395 29.82 -12.70 20.00
CA GLY B 395 29.67 -13.63 21.11
C GLY B 395 28.43 -14.48 20.98
N PHE B 396 27.37 -13.87 20.46
CA PHE B 396 26.16 -14.58 20.10
C PHE B 396 26.52 -15.74 19.16
N PHE B 397 27.32 -15.47 18.13
CA PHE B 397 27.84 -16.55 17.30
C PHE B 397 28.72 -17.59 18.01
N GLU B 398 29.59 -17.17 18.94
CA GLU B 398 30.38 -18.18 19.62
C GLU B 398 29.43 -19.05 20.45
N VAL B 399 28.36 -18.48 21.00
CA VAL B 399 27.49 -19.30 21.84
C VAL B 399 26.92 -20.44 20.99
N HIS B 400 26.55 -20.17 19.75
CA HIS B 400 25.77 -21.14 18.99
C HIS B 400 26.72 -22.15 18.35
N ARG B 401 27.84 -21.71 17.80
N ARG B 401 27.83 -21.66 17.81
CA ARG B 401 28.77 -22.69 17.26
CA ARG B 401 28.85 -22.54 17.29
C ARG B 401 29.06 -23.70 18.36
C ARG B 401 29.15 -23.63 18.31
N ALA B 402 29.42 -23.22 19.55
CA ALA B 402 29.83 -24.12 20.61
C ALA B 402 28.71 -25.08 21.01
N LEU B 403 27.45 -24.72 20.84
CA LEU B 403 26.39 -25.67 21.15
C LEU B 403 25.89 -26.41 19.91
N GLY B 404 26.25 -25.90 18.73
CA GLY B 404 25.79 -26.50 17.48
C GLY B 404 24.35 -26.15 17.18
N THR B 405 23.82 -25.11 17.81
CA THR B 405 22.52 -24.51 17.50
C THR B 405 22.66 -23.48 16.37
N HIS B 406 21.55 -22.94 15.88
CA HIS B 406 21.57 -21.97 14.79
C HIS B 406 21.54 -20.51 15.24
N PRO B 407 22.60 -19.73 14.99
CA PRO B 407 22.47 -18.30 15.14
C PRO B 407 21.56 -17.81 14.01
N GLY B 408 20.30 -17.54 14.36
CA GLY B 408 19.23 -17.37 13.38
C GLY B 408 19.01 -16.01 12.77
N GLY B 409 19.61 -14.98 13.36
CA GLY B 409 19.42 -13.64 12.83
C GLY B 409 19.81 -12.53 13.80
N ILE B 410 19.73 -11.29 13.32
CA ILE B 410 20.02 -10.07 14.10
C ILE B 410 18.82 -9.12 14.00
N HIS B 411 18.68 -8.23 14.98
CA HIS B 411 17.57 -7.29 15.06
C HIS B 411 18.28 -5.99 15.38
N VAL B 412 18.35 -5.08 14.41
CA VAL B 412 19.18 -3.90 14.57
C VAL B 412 18.43 -2.59 14.41
N GLU B 413 18.95 -1.53 15.02
CA GLU B 413 18.44 -0.19 14.80
C GLU B 413 19.31 0.63 13.86
N ILE B 414 18.81 0.87 12.64
CA ILE B 414 19.53 1.41 11.49
C ILE B 414 18.79 2.54 10.78
N THR B 415 19.50 3.32 9.98
CA THR B 415 18.83 4.27 9.08
C THR B 415 19.58 4.54 7.78
N GLY B 416 18.86 4.77 6.69
CA GLY B 416 19.49 5.17 5.43
C GLY B 416 20.20 6.52 5.41
N GLU B 417 20.09 7.32 6.47
CA GLU B 417 20.76 8.62 6.56
C GLU B 417 22.07 8.60 7.34
N ASN B 418 23.06 9.42 6.95
CA ASN B 418 24.25 9.53 7.79
C ASN B 418 24.09 10.54 8.91
N VAL B 419 23.23 10.11 9.84
CA VAL B 419 23.19 10.61 11.21
C VAL B 419 24.55 10.30 11.85
N THR B 420 24.80 10.93 12.99
CA THR B 420 26.01 10.74 13.78
C THR B 420 25.54 10.41 15.19
N GLU B 421 25.01 9.20 15.35
CA GLU B 421 24.34 8.79 16.57
C GLU B 421 25.16 7.76 17.36
N CYS B 422 25.81 6.87 16.63
CA CYS B 422 26.62 5.79 17.19
C CYS B 422 28.10 6.10 16.99
N LEU B 423 28.81 6.09 18.11
CA LEU B 423 30.27 6.24 18.17
C LEU B 423 31.00 5.19 17.36
N GLY B 424 32.17 5.53 16.81
CA GLY B 424 32.95 4.58 16.02
C GLY B 424 32.41 4.23 14.65
N GLY B 425 32.76 3.02 14.20
CA GLY B 425 32.64 2.65 12.80
C GLY B 425 33.93 3.03 12.08
N ALA B 426 33.99 2.73 10.80
CA ALA B 426 35.04 3.22 9.92
C ALA B 426 35.20 4.74 9.98
N GLN B 427 34.08 5.44 10.14
CA GLN B 427 34.06 6.90 10.27
C GLN B 427 34.66 7.42 11.57
N ASP B 428 34.91 6.52 12.51
CA ASP B 428 35.23 6.87 13.91
C ASP B 428 34.52 8.13 14.41
N ILE B 429 33.20 8.04 14.50
CA ILE B 429 32.36 9.12 15.00
C ILE B 429 32.68 9.28 16.49
N SER B 430 33.17 10.47 16.84
CA SER B 430 33.56 10.77 18.21
C SER B 430 32.39 11.32 19.01
N GLU B 431 32.64 11.57 20.29
CA GLU B 431 31.66 12.20 21.15
C GLU B 431 31.31 13.59 20.62
N THR B 432 32.36 14.34 20.26
CA THR B 432 32.25 15.66 19.63
C THR B 432 31.43 15.66 18.33
N ASP B 433 31.57 14.60 17.55
CA ASP B 433 30.86 14.50 16.28
C ASP B 433 29.36 14.31 16.50
N LEU B 434 28.98 13.76 17.66
CA LEU B 434 27.59 13.37 17.91
C LEU B 434 26.60 14.53 17.83
N ALA B 435 27.07 15.75 18.10
CA ALA B 435 26.25 16.96 18.01
C ALA B 435 25.82 17.28 16.57
N GLY B 436 26.71 17.06 15.62
CA GLY B 436 26.44 17.21 14.18
C GLY B 436 25.09 16.80 13.63
N ARG B 437 24.80 15.50 13.63
CA ARG B 437 23.56 15.00 13.03
C ARG B 437 22.90 13.93 13.90
N TYR B 438 22.67 14.27 15.17
CA TYR B 438 21.85 13.51 16.09
C TYR B 438 20.38 13.85 15.85
N GLU B 439 19.65 12.91 15.25
CA GLU B 439 18.29 13.15 14.77
C GLU B 439 17.24 12.17 15.31
N THR B 440 17.68 11.06 15.90
CA THR B 440 16.75 10.08 16.45
C THR B 440 15.79 10.71 17.46
N ALA B 441 14.58 10.16 17.51
CA ALA B 441 13.57 10.53 18.51
C ALA B 441 13.66 9.61 19.73
N CYS B 442 14.47 8.58 19.65
CA CYS B 442 14.74 7.74 20.82
C CYS B 442 16.18 7.24 20.79
N ASP B 443 16.40 5.97 20.43
CA ASP B 443 17.70 5.37 20.64
C ASP B 443 18.61 5.80 19.51
N PRO B 444 19.93 5.73 19.72
CA PRO B 444 20.92 5.90 18.64
C PRO B 444 20.90 4.77 17.62
N ARG B 445 20.71 5.15 16.35
CA ARG B 445 20.67 4.19 15.24
C ARG B 445 22.05 4.04 14.64
N LEU B 446 22.31 2.91 13.99
CA LEU B 446 23.47 2.85 13.13
C LEU B 446 23.21 3.68 11.88
N ASN B 447 24.24 4.40 11.49
CA ASN B 447 24.43 4.97 10.16
C ASN B 447 24.18 4.09 8.96
N THR B 448 23.77 4.72 7.86
CA THR B 448 23.90 4.11 6.55
C THR B 448 25.21 3.32 6.50
N GLN B 449 26.34 4.01 6.66
CA GLN B 449 27.65 3.38 6.60
C GLN B 449 27.95 2.35 7.68
N GLN B 450 27.50 2.59 8.90
CA GLN B 450 27.73 1.65 10.01
C GLN B 450 26.86 0.41 9.89
N SER B 451 25.66 0.58 9.33
CA SER B 451 24.79 -0.55 9.24
C SER B 451 25.32 -1.47 8.13
N LEU B 452 25.75 -0.93 7.00
CA LEU B 452 26.52 -1.75 6.03
C LEU B 452 27.80 -2.42 6.55
N GLU B 453 28.60 -1.66 7.26
CA GLU B 453 29.87 -2.16 7.79
C GLU B 453 29.56 -3.33 8.72
N LEU B 454 28.42 -3.27 9.40
CA LEU B 454 28.03 -4.39 10.23
C LEU B 454 27.55 -5.61 9.41
N ALA B 455 26.84 -5.41 8.30
CA ALA B 455 26.53 -6.57 7.46
C ALA B 455 27.81 -7.30 7.04
N PHE B 456 28.78 -6.58 6.50
CA PHE B 456 30.09 -7.15 6.23
C PHE B 456 30.73 -7.89 7.40
N LEU B 457 30.65 -7.33 8.60
CA LEU B 457 31.23 -7.97 9.77
C LEU B 457 30.53 -9.27 10.16
N VAL B 458 29.21 -9.31 10.16
CA VAL B 458 28.41 -10.51 10.39
C VAL B 458 28.48 -11.51 9.23
N ALA B 459 28.64 -11.02 8.00
CA ALA B 459 28.73 -11.92 6.87
C ALA B 459 30.00 -12.74 7.09
N GLU B 460 31.09 -12.12 7.56
CA GLU B 460 32.29 -12.90 7.87
C GLU B 460 32.14 -13.77 9.12
N MET B 461 31.25 -13.47 10.06
CA MET B 461 31.06 -14.40 11.18
C MET B 461 30.29 -15.61 10.70
N LEU B 462 29.35 -15.37 9.79
CA LEU B 462 28.66 -16.43 9.09
C LEU B 462 29.63 -17.29 8.28
N ARG B 463 30.67 -16.72 7.67
CA ARG B 463 31.63 -17.56 6.95
C ARG B 463 32.59 -18.37 7.83
N ASP B 464 32.70 -18.15 9.14
CA ASP B 464 33.60 -18.97 9.97
C ASP B 464 32.89 -20.05 10.78
#